data_5HTK
#
_entry.id   5HTK
#
_cell.length_a   106.523
_cell.length_b   113.946
_cell.length_c   133.154
_cell.angle_alpha   90.00
_cell.angle_beta   90.00
_cell.angle_gamma   90.00
#
_symmetry.space_group_name_H-M   'P 21 21 21'
#
loop_
_entity.id
_entity.type
_entity.pdbx_description
1 polymer '6-phosphofructo-2-kinase/fructose-2,6-bisphosphatase 2'
2 non-polymer 'CITRATE ANION'
3 non-polymer "ADENOSINE-5'-TRIPHOSPHATE"
4 non-polymer 'MAGNESIUM ION'
5 non-polymer 6-O-phosphono-beta-D-fructofuranose
6 non-polymer 1,2-ETHANEDIOL
7 non-polymer GLYCEROL
8 non-polymer '2-(N-MORPHOLINO)-ETHANESULFONIC ACID'
9 water water
#
_entity_poly.entity_id   1
_entity_poly.type   'polypeptide(L)'
_entity_poly.pdbx_seq_one_letter_code
;MSGASSSEQNNNSYETKTPNLRMSEKKCSWASYMTNSPTLIVMIGLPARGKTYVSKKLTRYLNWIGVPTKVFNLGVYRRE
AVKSYKSYDFFRHDNEEAMKIRKQCALVALEDVKAYLTEENGQIAVFDATNTTRERRDMILNFAEQNSFKVFFVESVCDD
PDVIAANILEVKVSSPDYPERNRENVMEDFLKRIECYKVTYRPLDPDNYDKDLSFIKVINVGQRFLVNRVQDYIQSKIVY
YLMNIHVQPRTIYLCR(NEP)GESEFNLLGKIGGDSGLSVRGKQFAQALRKFLEEQEITDLKVWTSQLKRTIQTAESLGV
PYEQWKILNEIDAGVCEEMTYAEIEKRYPEEFALRDQEKYLYRYPGGESYQDLVQRLEPVIMELERQGNVLVISHQAVMR
CLLAYFLDKGADELPYLRCPLHTIFKLTPVAYGCKVETIKLNVEAVNTHRDKPTNNFPKNQTPVRMRRNSFTPLSSSNTI
RRPRNYSVGSRPLKPLSPLRAQDMQEGAD
;
_entity_poly.pdbx_strand_id   A,B
#
loop_
_chem_comp.id
_chem_comp.type
_chem_comp.name
_chem_comp.formula
ATP non-polymer ADENOSINE-5'-TRIPHOSPHATE 'C10 H16 N5 O13 P3'
EDO non-polymer 1,2-ETHANEDIOL 'C2 H6 O2'
F6P D-saccharide, beta linking 6-O-phosphono-beta-D-fructofuranose 'C6 H13 O9 P'
FLC non-polymer 'CITRATE ANION' 'C6 H5 O7 -3'
GOL non-polymer GLYCEROL 'C3 H8 O3'
MES non-polymer '2-(N-MORPHOLINO)-ETHANESULFONIC ACID' 'C6 H13 N O4 S'
MG non-polymer 'MAGNESIUM ION' 'Mg 2'
#
# COMPACT_ATOMS: atom_id res chain seq x y z
N ALA A 31 30.37 2.88 -5.35
CA ALA A 31 30.38 1.70 -6.24
C ALA A 31 29.73 0.44 -5.59
N SER A 32 28.53 0.53 -4.98
CA SER A 32 27.48 1.57 -5.19
C SER A 32 27.41 2.58 -4.01
N TYR A 33 26.17 2.94 -3.59
CA TYR A 33 26.01 3.87 -2.47
C TYR A 33 24.89 3.56 -1.48
N MET A 34 23.81 4.35 -1.48
CA MET A 34 22.89 4.42 -0.35
C MET A 34 21.53 3.79 -0.63
N THR A 35 21.42 2.98 -1.69
CA THR A 35 20.15 2.34 -2.05
C THR A 35 19.71 1.30 -1.02
N ASN A 36 20.66 0.73 -0.27
CA ASN A 36 20.40 -0.39 0.62
C ASN A 36 20.39 0.02 2.09
N SER A 37 20.29 1.30 2.36
CA SER A 37 20.33 1.78 3.73
C SER A 37 19.05 1.51 4.52
N PRO A 38 19.19 1.30 5.82
CA PRO A 38 18.04 1.26 6.71
C PRO A 38 17.51 2.68 6.94
N THR A 39 16.34 2.76 7.56
CA THR A 39 15.65 4.03 7.76
C THR A 39 15.40 4.29 9.25
N LEU A 40 15.65 5.54 9.64
CA LEU A 40 15.36 6.07 10.96
C LEU A 40 14.14 6.96 10.82
N ILE A 41 13.03 6.56 11.43
CA ILE A 41 11.83 7.39 11.49
C ILE A 41 11.86 8.19 12.77
N VAL A 42 11.75 9.51 12.67
CA VAL A 42 11.91 10.42 13.80
C VAL A 42 10.60 11.10 14.10
N MET A 43 10.03 10.82 15.29
CA MET A 43 8.80 11.51 15.70
C MET A 43 9.15 12.94 16.10
N ILE A 44 8.23 13.87 15.84
CA ILE A 44 8.32 15.25 16.33
C ILE A 44 6.97 15.64 16.91
N GLY A 45 6.98 16.35 18.02
CA GLY A 45 5.80 17.05 18.47
C GLY A 45 5.83 17.42 19.93
N LEU A 46 4.96 18.38 20.28
CA LEU A 46 4.69 18.71 21.66
C LEU A 46 4.15 17.48 22.39
N PRO A 47 4.16 17.49 23.72
CA PRO A 47 3.53 16.42 24.49
C PRO A 47 2.04 16.31 24.20
N ALA A 48 1.51 15.12 24.40
CA ALA A 48 0.09 14.84 24.24
C ALA A 48 -0.36 15.05 22.80
N ARG A 49 0.46 14.58 21.86
CA ARG A 49 0.14 14.66 20.45
C ARG A 49 -0.07 13.30 19.80
N GLY A 50 -0.18 12.23 20.58
CA GLY A 50 -0.30 10.93 19.98
C GLY A 50 0.99 10.31 19.47
N LYS A 51 2.14 10.85 19.84
CA LYS A 51 3.39 10.38 19.22
C LYS A 51 3.67 8.93 19.59
N THR A 52 3.49 8.57 20.85
CA THR A 52 3.83 7.22 21.26
C THR A 52 2.86 6.20 20.67
N TYR A 53 1.55 6.49 20.67
CA TYR A 53 0.61 5.61 19.98
C TYR A 53 1.00 5.42 18.52
N VAL A 54 1.22 6.52 17.78
CA VAL A 54 1.58 6.40 16.38
C VAL A 54 2.86 5.56 16.23
N SER A 55 3.87 5.84 17.05
CA SER A 55 5.14 5.11 16.98
C SER A 55 4.94 3.62 17.10
N LYS A 56 4.14 3.21 18.09
CA LYS A 56 3.96 1.79 18.39
C LYS A 56 3.13 1.09 17.33
N LYS A 57 2.05 1.72 16.85
CA LYS A 57 1.22 1.03 15.87
C LYS A 57 1.90 0.96 14.51
N LEU A 58 2.60 2.03 14.14
CA LEU A 58 3.41 2.04 12.92
C LEU A 58 4.49 0.95 13.00
N THR A 59 5.16 0.85 14.14
CA THR A 59 6.16 -0.21 14.31
C THR A 59 5.54 -1.59 14.15
N ARG A 60 4.34 -1.81 14.71
CA ARG A 60 3.71 -3.12 14.56
C ARG A 60 3.39 -3.40 13.10
N TYR A 61 2.86 -2.40 12.39
CA TYR A 61 2.50 -2.59 10.97
C TYR A 61 3.73 -2.94 10.12
N LEU A 62 4.85 -2.27 10.37
CA LEU A 62 6.04 -2.51 9.57
C LEU A 62 6.56 -3.91 9.79
N ASN A 63 6.57 -4.36 11.05
CA ASN A 63 6.91 -5.76 11.33
C ASN A 63 5.94 -6.72 10.67
N TRP A 64 4.66 -6.37 10.66
CA TRP A 64 3.63 -7.22 10.05
C TRP A 64 3.90 -7.45 8.57
N ILE A 65 4.37 -6.44 7.86
CA ILE A 65 4.67 -6.61 6.44
C ILE A 65 6.10 -7.12 6.21
N GLY A 66 6.78 -7.53 7.29
CA GLY A 66 8.03 -8.24 7.14
C GLY A 66 9.27 -7.37 7.21
N VAL A 67 9.16 -6.14 7.71
CA VAL A 67 10.28 -5.25 7.79
C VAL A 67 10.69 -5.16 9.28
N PRO A 68 11.82 -5.73 9.67
CA PRO A 68 12.24 -5.66 11.09
C PRO A 68 12.38 -4.23 11.59
N THR A 69 11.56 -3.89 12.59
CA THR A 69 11.42 -2.52 13.06
C THR A 69 11.35 -2.51 14.58
N LYS A 70 11.98 -1.51 15.20
CA LYS A 70 11.97 -1.38 16.65
C LYS A 70 11.75 0.07 17.06
N VAL A 71 10.94 0.27 18.08
CA VAL A 71 10.70 1.61 18.61
C VAL A 71 11.64 1.89 19.77
N PHE A 72 12.05 3.16 19.89
CA PHE A 72 12.90 3.66 20.96
C PHE A 72 12.16 4.81 21.62
N ASN A 73 11.71 4.58 22.85
CA ASN A 73 10.87 5.52 23.58
C ASN A 73 11.76 6.31 24.53
N LEU A 74 11.98 7.58 24.23
CA LEU A 74 12.88 8.38 25.03
C LEU A 74 12.33 8.69 26.40
N GLY A 75 11.00 8.67 26.57
CA GLY A 75 10.44 8.75 27.92
C GLY A 75 11.03 7.68 28.82
N VAL A 76 11.10 6.45 28.32
CA VAL A 76 11.66 5.35 29.12
C VAL A 76 13.12 5.63 29.44
N TYR A 77 13.89 6.07 28.43
CA TYR A 77 15.31 6.34 28.65
C TYR A 77 15.52 7.38 29.74
N ARG A 78 14.77 8.47 29.68
CA ARG A 78 15.01 9.57 30.59
C ARG A 78 14.52 9.22 32.01
N ARG A 79 13.37 8.55 32.12
CA ARG A 79 12.91 8.11 33.44
C ARG A 79 13.92 7.16 34.08
N GLU A 80 14.48 6.24 33.31
CA GLU A 80 15.46 5.32 33.87
C GLU A 80 16.73 6.06 34.26
N ALA A 81 17.06 7.14 33.56
CA ALA A 81 18.27 7.89 33.86
C ALA A 81 18.11 8.73 35.13
N VAL A 82 16.99 9.43 35.30
CA VAL A 82 16.85 10.33 36.45
C VAL A 82 16.23 9.61 37.65
N LYS A 83 15.68 8.41 37.46
CA LYS A 83 15.27 7.52 38.54
C LYS A 83 14.18 8.14 39.42
N SER A 84 13.46 9.15 38.91
CA SER A 84 12.35 9.77 39.63
C SER A 84 11.42 10.45 38.65
N TYR A 85 10.21 10.76 39.11
CA TYR A 85 9.28 11.54 38.31
C TYR A 85 9.63 13.02 38.41
N LYS A 86 9.51 13.73 37.29
CA LYS A 86 9.99 15.10 37.24
C LYS A 86 8.85 16.09 37.01
N SER A 87 8.89 17.18 37.77
CA SER A 87 7.95 18.28 37.64
C SER A 87 8.33 19.14 36.44
N TYR A 88 7.44 20.07 36.09
CA TYR A 88 7.56 20.79 34.82
C TYR A 88 8.86 21.56 34.69
N ASP A 89 9.43 22.01 35.81
CA ASP A 89 10.66 22.79 35.76
C ASP A 89 11.82 21.99 35.18
N PHE A 90 11.79 20.67 35.28
CA PHE A 90 12.80 19.84 34.63
C PHE A 90 12.85 20.07 33.11
N PHE A 91 11.73 20.50 32.52
CA PHE A 91 11.56 20.60 31.07
C PHE A 91 11.72 22.03 30.54
N ARG A 92 12.15 22.97 31.38
CA ARG A 92 12.48 24.31 30.90
C ARG A 92 13.68 24.26 29.96
N HIS A 93 13.58 24.94 28.83
CA HIS A 93 14.73 25.00 27.93
C HIS A 93 15.92 25.69 28.58
N ASP A 94 15.71 26.45 29.68
CA ASP A 94 16.75 27.18 30.42
C ASP A 94 17.50 26.32 31.40
N ASN A 95 16.91 25.21 31.79
CA ASN A 95 17.44 24.38 32.83
C ASN A 95 18.68 23.66 32.30
N GLU A 96 19.84 24.29 32.49
CA GLU A 96 21.06 23.78 31.88
C GLU A 96 21.32 22.34 32.31
N GLU A 97 21.07 22.03 33.59
CA GLU A 97 21.37 20.71 34.11
C GLU A 97 20.44 19.68 33.51
N ALA A 98 19.16 20.01 33.42
CA ALA A 98 18.20 19.12 32.82
C ALA A 98 18.48 18.94 31.34
N MET A 99 18.72 20.04 30.61
CA MET A 99 18.97 19.95 29.18
C MET A 99 20.15 19.03 28.90
N LYS A 100 21.17 19.03 29.77
CA LYS A 100 22.34 18.21 29.53
C LYS A 100 22.02 16.74 29.76
N ILE A 101 21.21 16.42 30.78
CA ILE A 101 20.74 15.05 30.97
C ILE A 101 19.91 14.59 29.78
N ARG A 102 18.96 15.41 29.36
CA ARG A 102 18.07 15.01 28.27
C ARG A 102 18.84 14.80 26.96
N LYS A 103 19.85 15.64 26.69
CA LYS A 103 20.67 15.44 25.49
C LYS A 103 21.42 14.13 25.57
N GLN A 104 21.98 13.83 26.73
CA GLN A 104 22.72 12.58 26.88
C GLN A 104 21.80 11.37 26.67
N CYS A 105 20.55 11.44 27.12
CA CYS A 105 19.62 10.35 26.85
C CYS A 105 19.37 10.17 25.36
N ALA A 106 19.20 11.27 24.62
CA ALA A 106 19.04 11.16 23.18
C ALA A 106 20.24 10.47 22.53
N LEU A 107 21.47 10.80 22.98
CA LEU A 107 22.67 10.20 22.42
C LEU A 107 22.75 8.72 22.75
N VAL A 108 22.37 8.33 23.97
CA VAL A 108 22.34 6.91 24.30
C VAL A 108 21.34 6.17 23.41
N ALA A 109 20.13 6.72 23.25
CA ALA A 109 19.15 6.05 22.40
C ALA A 109 19.65 5.93 20.98
N LEU A 110 20.33 6.97 20.47
CA LEU A 110 20.86 6.90 19.11
C LEU A 110 21.90 5.80 18.99
N GLU A 111 22.72 5.61 20.01
CA GLU A 111 23.68 4.52 19.96
C GLU A 111 22.96 3.18 19.96
N ASP A 112 21.85 3.08 20.69
CA ASP A 112 21.04 1.86 20.62
C ASP A 112 20.43 1.69 19.23
N VAL A 113 19.97 2.79 18.62
CA VAL A 113 19.46 2.72 17.25
C VAL A 113 20.54 2.13 16.32
N LYS A 114 21.76 2.67 16.42
CA LYS A 114 22.87 2.20 15.58
C LYS A 114 23.15 0.72 15.79
N ALA A 115 23.18 0.29 17.04
CA ALA A 115 23.39 -1.12 17.32
C ALA A 115 22.29 -1.96 16.69
N TYR A 116 21.04 -1.54 16.85
CA TYR A 116 19.92 -2.29 16.28
C TYR A 116 20.05 -2.41 14.76
N LEU A 117 20.34 -1.32 14.09
CA LEU A 117 20.29 -1.33 12.63
C LEU A 117 21.54 -1.93 11.98
N THR A 118 22.67 -1.98 12.69
CA THR A 118 23.89 -2.49 12.11
C THR A 118 24.36 -3.79 12.73
N GLU A 119 23.99 -4.09 13.98
CA GLU A 119 24.43 -5.34 14.59
C GLU A 119 23.31 -6.35 14.75
N GLU A 120 22.05 -5.92 14.89
CA GLU A 120 20.95 -6.80 15.24
C GLU A 120 19.98 -7.05 14.08
N ASN A 121 20.37 -6.71 12.85
CA ASN A 121 19.59 -7.00 11.65
C ASN A 121 18.27 -6.25 11.58
N GLY A 122 18.18 -5.11 12.27
CA GLY A 122 17.04 -4.23 12.08
C GLY A 122 17.11 -3.47 10.77
N GLN A 123 15.93 -3.12 10.25
CA GLN A 123 15.83 -2.35 9.01
C GLN A 123 15.26 -0.96 9.22
N ILE A 124 14.40 -0.79 10.22
CA ILE A 124 13.80 0.51 10.54
C ILE A 124 13.82 0.72 12.04
N ALA A 125 14.26 1.89 12.46
CA ALA A 125 14.21 2.31 13.84
C ALA A 125 13.26 3.49 13.96
N VAL A 126 12.42 3.47 14.99
CA VAL A 126 11.45 4.52 15.23
C VAL A 126 11.83 5.22 16.53
N PHE A 127 12.13 6.51 16.43
CA PHE A 127 12.67 7.31 17.53
C PHE A 127 11.55 8.18 18.06
N ASP A 128 10.98 7.78 19.19
CA ASP A 128 9.81 8.44 19.77
C ASP A 128 10.26 9.41 20.85
N ALA A 129 10.24 10.70 20.51
CA ALA A 129 10.60 11.80 21.40
C ALA A 129 9.92 13.06 20.87
N THR A 130 10.07 14.17 21.60
CA THR A 130 9.49 15.44 21.15
C THR A 130 10.29 16.05 19.99
N ASN A 131 11.62 16.16 20.13
CA ASN A 131 12.47 16.62 19.02
C ASN A 131 11.96 17.93 18.41
N THR A 132 11.53 18.86 19.26
CA THR A 132 10.84 20.05 18.77
C THR A 132 11.75 21.19 18.39
N THR A 133 13.06 21.11 18.65
CA THR A 133 13.97 22.17 18.25
C THR A 133 14.81 21.76 17.05
N ARG A 134 15.27 22.78 16.31
CA ARG A 134 16.11 22.53 15.15
C ARG A 134 17.46 21.97 15.54
N GLU A 135 17.97 22.35 16.71
CA GLU A 135 19.28 21.86 17.13
C GLU A 135 19.23 20.36 17.34
N ARG A 136 18.20 19.88 18.03
CA ARG A 136 18.04 18.45 18.27
C ARG A 136 17.84 17.69 16.95
N ARG A 137 17.04 18.24 16.04
CA ARG A 137 16.85 17.56 14.76
C ARG A 137 18.14 17.52 13.96
N ASP A 138 18.95 18.57 14.03
CA ASP A 138 20.21 18.58 13.29
C ASP A 138 21.19 17.57 13.88
N MET A 139 21.17 17.41 15.21
CA MET A 139 22.00 16.37 15.83
C MET A 139 21.59 14.98 15.33
N ILE A 140 20.28 14.73 15.22
CA ILE A 140 19.84 13.45 14.70
C ILE A 140 20.24 13.29 13.25
N LEU A 141 20.04 14.33 12.44
CA LEU A 141 20.41 14.24 11.04
C LEU A 141 21.92 14.00 10.87
N ASN A 142 22.74 14.62 11.71
CA ASN A 142 24.18 14.38 11.57
C ASN A 142 24.51 12.96 11.96
N PHE A 143 23.87 12.44 13.02
CA PHE A 143 24.04 11.04 13.38
C PHE A 143 23.70 10.13 12.20
N ALA A 144 22.54 10.37 11.55
CA ALA A 144 22.13 9.53 10.43
C ALA A 144 23.11 9.60 9.27
N GLU A 145 23.58 10.80 8.93
CA GLU A 145 24.50 10.93 7.79
C GLU A 145 25.81 10.19 8.05
N GLN A 146 26.38 10.34 9.26
CA GLN A 146 27.58 9.59 9.60
C GLN A 146 27.41 8.09 9.44
N ASN A 147 26.21 7.56 9.65
CA ASN A 147 25.99 6.12 9.61
C ASN A 147 25.29 5.66 8.36
N SER A 148 25.05 6.55 7.40
CA SER A 148 24.33 6.22 6.16
C SER A 148 22.97 5.61 6.45
N PHE A 149 22.23 6.24 7.36
CA PHE A 149 20.82 5.93 7.60
C PHE A 149 19.96 6.97 6.89
N LYS A 150 18.94 6.51 6.17
CA LYS A 150 17.93 7.43 5.68
C LYS A 150 17.10 7.92 6.85
N VAL A 151 16.55 9.12 6.72
CA VAL A 151 15.75 9.74 7.77
C VAL A 151 14.41 10.18 7.21
N PHE A 152 13.34 9.84 7.93
CA PHE A 152 11.99 10.28 7.61
C PHE A 152 11.35 10.78 8.90
N PHE A 153 10.88 12.03 8.91
CA PHE A 153 10.27 12.62 10.09
C PHE A 153 8.73 12.49 10.04
N VAL A 154 8.15 12.21 11.21
CA VAL A 154 6.69 12.15 11.38
C VAL A 154 6.35 13.17 12.47
N GLU A 155 5.81 14.31 12.06
CA GLU A 155 5.50 15.39 12.99
C GLU A 155 4.02 15.40 13.26
N SER A 156 3.65 15.30 14.52
CA SER A 156 2.26 15.30 14.91
C SER A 156 1.93 16.70 15.42
N VAL A 157 1.08 17.40 14.68
CA VAL A 157 0.65 18.76 14.98
C VAL A 157 -0.80 18.69 15.36
N CYS A 158 -1.13 19.09 16.59
CA CYS A 158 -2.52 19.16 17.01
C CYS A 158 -2.83 20.60 17.42
N ASP A 159 -3.78 21.21 16.76
CA ASP A 159 -4.26 22.52 17.15
C ASP A 159 -5.75 22.53 17.40
N ASP A 160 -6.45 21.43 17.16
CA ASP A 160 -7.88 21.33 17.44
C ASP A 160 -8.11 21.19 18.94
N PRO A 161 -8.84 22.11 19.59
CA PRO A 161 -8.95 22.04 21.06
C PRO A 161 -9.51 20.73 21.57
N ASP A 162 -10.47 20.14 20.87
CA ASP A 162 -11.05 18.87 21.33
C ASP A 162 -10.02 17.75 21.26
N VAL A 163 -9.27 17.65 20.15
CA VAL A 163 -8.23 16.64 20.05
C VAL A 163 -7.20 16.85 21.16
N ILE A 164 -6.77 18.10 21.36
CA ILE A 164 -5.77 18.38 22.37
C ILE A 164 -6.29 17.98 23.74
N ALA A 165 -7.48 18.48 24.10
CA ALA A 165 -8.03 18.21 25.43
C ALA A 165 -8.18 16.70 25.65
N ALA A 166 -8.62 15.98 24.62
CA ALA A 166 -8.70 14.53 24.73
C ALA A 166 -7.33 13.91 24.97
N ASN A 167 -6.31 14.23 24.14
CA ASN A 167 -4.98 13.63 24.34
C ASN A 167 -4.44 13.93 25.73
N ILE A 168 -4.63 15.16 26.22
CA ILE A 168 -4.09 15.56 27.51
C ILE A 168 -4.75 14.77 28.62
N LEU A 169 -6.06 14.56 28.51
CA LEU A 169 -6.76 13.80 29.53
C LEU A 169 -6.23 12.38 29.57
N GLU A 170 -5.97 11.81 28.40
CA GLU A 170 -5.39 10.47 28.33
C GLU A 170 -4.01 10.42 29.00
N VAL A 171 -3.17 11.44 28.76
CA VAL A 171 -1.90 11.48 29.49
C VAL A 171 -2.17 11.50 30.99
N LYS A 172 -3.07 12.39 31.43
CA LYS A 172 -3.31 12.53 32.87
C LYS A 172 -3.69 11.21 33.50
N VAL A 173 -4.53 10.44 32.83
CA VAL A 173 -5.05 9.19 33.38
C VAL A 173 -4.02 8.07 33.29
N SER A 174 -3.34 7.91 32.16
CA SER A 174 -2.60 6.68 31.92
C SER A 174 -1.09 6.83 31.66
N SER A 175 -0.57 8.03 31.47
CA SER A 175 0.85 8.15 31.13
C SER A 175 1.74 7.65 32.26
N PRO A 176 2.74 6.80 31.98
CA PRO A 176 3.73 6.40 33.00
C PRO A 176 4.77 7.44 33.32
N ASP A 177 4.67 8.63 32.72
CA ASP A 177 5.60 9.69 33.08
C ASP A 177 5.18 10.40 34.36
N TYR A 178 4.14 9.92 35.03
CA TYR A 178 3.71 10.37 36.35
C TYR A 178 3.45 9.19 37.25
N PRO A 179 3.46 9.39 38.58
CA PRO A 179 3.24 8.28 39.52
C PRO A 179 1.95 7.52 39.27
N GLU A 180 2.01 6.21 39.48
CA GLU A 180 0.87 5.35 39.21
C GLU A 180 -0.37 5.80 39.98
N ARG A 181 -0.21 6.17 41.24
CA ARG A 181 -1.35 6.60 42.04
C ARG A 181 -1.14 8.04 42.51
N ASN A 182 -2.26 8.71 42.82
CA ASN A 182 -2.30 10.10 43.28
C ASN A 182 -2.01 11.08 42.15
N ARG A 183 -2.86 11.06 41.11
CA ARG A 183 -2.70 11.90 39.94
C ARG A 183 -3.40 13.25 40.07
N GLU A 184 -3.75 13.65 41.29
CA GLU A 184 -4.61 14.82 41.50
C GLU A 184 -3.96 16.09 41.00
N ASN A 185 -2.63 16.16 41.05
CA ASN A 185 -1.91 17.33 40.58
C ASN A 185 -1.23 17.10 39.23
N VAL A 186 -1.45 15.97 38.57
CA VAL A 186 -0.78 15.72 37.29
C VAL A 186 -1.19 16.76 36.26
N MET A 187 -2.50 17.01 36.14
CA MET A 187 -3.00 17.87 35.07
C MET A 187 -2.35 19.25 35.13
N GLU A 188 -2.33 19.86 36.32
CA GLU A 188 -1.76 21.22 36.45
C GLU A 188 -0.29 21.24 36.08
N ASP A 189 0.47 20.23 36.53
CA ASP A 189 1.89 20.14 36.19
C ASP A 189 2.06 19.92 34.68
N PHE A 190 1.31 18.98 34.11
CA PHE A 190 1.51 18.64 32.71
C PHE A 190 1.16 19.80 31.82
N LEU A 191 0.13 20.58 32.16
CA LEU A 191 -0.17 21.76 31.35
C LEU A 191 1.00 22.72 31.34
N LYS A 192 1.68 22.90 32.48
CA LYS A 192 2.86 23.76 32.53
C LYS A 192 4.05 23.14 31.79
N ARG A 193 4.19 21.81 31.82
CA ARG A 193 5.25 21.18 31.04
C ARG A 193 5.09 21.47 29.54
N ILE A 194 3.85 21.40 29.03
CA ILE A 194 3.61 21.72 27.61
C ILE A 194 4.05 23.14 27.30
N GLU A 195 3.74 24.09 28.18
CA GLU A 195 4.16 25.47 27.92
C GLU A 195 5.68 25.57 27.80
N CYS A 196 6.43 24.80 28.60
CA CYS A 196 7.88 24.81 28.46
C CYS A 196 8.30 24.46 27.04
N TYR A 197 7.69 23.41 26.47
CA TYR A 197 8.05 23.03 25.11
C TYR A 197 7.60 24.06 24.10
N LYS A 198 6.48 24.72 24.33
CA LYS A 198 6.00 25.70 23.36
C LYS A 198 7.00 26.83 23.15
N VAL A 199 7.76 27.15 24.19
CA VAL A 199 8.65 28.31 24.12
C VAL A 199 9.63 28.15 22.97
N THR A 200 10.17 26.94 22.76
CA THR A 200 11.24 26.71 21.78
C THR A 200 10.81 25.85 20.60
N TYR A 201 9.54 25.49 20.48
CA TYR A 201 9.10 24.59 19.42
C TYR A 201 9.23 25.27 18.06
N ARG A 202 10.04 24.71 17.18
CA ARG A 202 10.04 25.13 15.77
C ARG A 202 9.44 24.02 14.94
N PRO A 203 8.23 24.16 14.41
CA PRO A 203 7.70 23.11 13.55
C PRO A 203 8.53 22.97 12.26
N LEU A 204 8.42 21.81 11.61
CA LEU A 204 9.05 21.68 10.30
C LEU A 204 8.50 22.74 9.39
N ASP A 205 9.39 23.33 8.60
CA ASP A 205 9.11 24.44 7.71
C ASP A 205 9.32 23.97 6.28
N PRO A 206 8.28 23.49 5.59
CA PRO A 206 8.47 22.97 4.23
C PRO A 206 8.87 24.02 3.22
N ASP A 207 8.56 25.28 3.47
CA ASP A 207 8.83 26.32 2.49
C ASP A 207 10.28 26.76 2.50
N ASN A 208 10.98 26.63 3.62
CA ASN A 208 12.36 27.07 3.64
C ASN A 208 13.33 26.16 4.41
N TYR A 209 13.36 26.27 5.73
CA TYR A 209 14.42 25.61 6.48
C TYR A 209 14.46 24.12 6.22
N ASP A 210 13.29 23.48 6.07
CA ASP A 210 13.21 22.02 5.92
C ASP A 210 12.70 21.59 4.56
N LYS A 211 12.87 22.41 3.52
CA LYS A 211 12.32 22.07 2.20
C LYS A 211 12.95 20.81 1.62
N ASP A 212 14.17 20.48 2.01
CA ASP A 212 14.84 19.30 1.49
C ASP A 212 14.71 18.07 2.39
N LEU A 213 14.03 18.17 3.52
CA LEU A 213 13.84 16.99 4.38
C LEU A 213 12.63 16.18 3.93
N SER A 214 12.69 14.87 4.20
CA SER A 214 11.61 13.95 3.88
C SER A 214 10.77 13.80 5.14
N PHE A 215 9.48 14.14 5.05
CA PHE A 215 8.65 14.15 6.25
C PHE A 215 7.16 14.11 5.91
N ILE A 216 6.38 13.82 6.95
CA ILE A 216 4.94 14.00 6.93
C ILE A 216 4.53 14.72 8.22
N LYS A 217 3.73 15.76 8.07
CA LYS A 217 3.03 16.37 9.20
C LYS A 217 1.66 15.71 9.29
N VAL A 218 1.39 15.04 10.40
CA VAL A 218 0.09 14.46 10.71
C VAL A 218 -0.66 15.50 11.53
N ILE A 219 -1.72 16.05 10.96
CA ILE A 219 -2.41 17.18 11.56
C ILE A 219 -3.70 16.71 12.22
N ASN A 220 -3.86 17.05 13.50
CA ASN A 220 -5.03 16.67 14.30
C ASN A 220 -5.32 15.18 14.20
N VAL A 221 -4.29 14.39 14.52
CA VAL A 221 -4.26 12.93 14.50
C VAL A 221 -4.96 12.41 13.26
N GLY A 222 -4.70 13.04 12.12
CA GLY A 222 -5.02 12.42 10.85
C GLY A 222 -6.18 13.05 10.10
N GLN A 223 -6.65 14.20 10.54
CA GLN A 223 -7.63 14.91 9.74
C GLN A 223 -7.03 15.29 8.40
N ARG A 224 -5.76 15.67 8.40
CA ARG A 224 -5.07 16.01 7.16
C ARG A 224 -3.57 15.87 7.37
N PHE A 225 -2.86 15.97 6.25
CA PHE A 225 -1.44 15.63 6.20
C PHE A 225 -0.76 16.56 5.20
N LEU A 226 0.48 16.90 5.51
CA LEU A 226 1.42 17.56 4.60
C LEU A 226 2.61 16.62 4.43
N VAL A 227 2.87 16.18 3.20
CA VAL A 227 3.90 15.20 2.88
C VAL A 227 4.93 15.89 2.00
N ASN A 228 6.21 15.79 2.37
CA ASN A 228 7.30 16.47 1.65
C ASN A 228 8.38 15.47 1.27
N ARG A 229 8.72 15.44 -0.01
CA ARG A 229 9.87 14.70 -0.54
C ARG A 229 9.93 13.24 -0.09
N VAL A 230 8.90 12.47 -0.48
CA VAL A 230 8.93 11.02 -0.29
C VAL A 230 9.97 10.44 -1.24
N GLN A 231 10.96 9.72 -0.70
CA GLN A 231 12.15 9.35 -1.47
C GLN A 231 12.08 7.96 -2.06
N ASP A 232 11.27 7.07 -1.52
CA ASP A 232 11.39 5.66 -1.89
C ASP A 232 10.14 4.92 -1.49
N TYR A 233 10.12 3.63 -1.85
CA TYR A 233 8.99 2.77 -1.62
C TYR A 233 8.62 2.70 -0.12
N ILE A 234 9.62 2.52 0.74
CA ILE A 234 9.22 2.31 2.13
C ILE A 234 8.63 3.59 2.74
N GLN A 235 9.14 4.76 2.34
CA GLN A 235 8.51 6.00 2.80
C GLN A 235 7.07 6.10 2.30
N SER A 236 6.79 5.61 1.09
CA SER A 236 5.41 5.63 0.61
C SER A 236 4.54 4.70 1.46
N LYS A 237 5.08 3.58 1.91
CA LYS A 237 4.33 2.67 2.77
C LYS A 237 4.09 3.27 4.14
N ILE A 238 5.06 3.98 4.68
CA ILE A 238 4.88 4.68 5.96
C ILE A 238 3.71 5.67 5.85
N VAL A 239 3.72 6.48 4.80
CA VAL A 239 2.64 7.46 4.61
C VAL A 239 1.31 6.73 4.45
N TYR A 240 1.30 5.70 3.62
CA TYR A 240 0.12 4.87 3.43
C TYR A 240 -0.48 4.41 4.75
N TYR A 241 0.36 3.83 5.60
CA TYR A 241 -0.11 3.36 6.90
C TYR A 241 -0.72 4.51 7.69
N LEU A 242 -0.04 5.66 7.75
CA LEU A 242 -0.52 6.77 8.58
C LEU A 242 -1.84 7.36 8.07
N MET A 243 -2.18 7.14 6.79
CA MET A 243 -3.48 7.50 6.24
C MET A 243 -4.61 6.64 6.78
N ASN A 244 -4.29 5.50 7.39
CA ASN A 244 -5.28 4.60 7.94
C ASN A 244 -5.31 4.58 9.47
N ILE A 245 -4.35 5.23 10.14
CA ILE A 245 -4.28 5.11 11.60
C ILE A 245 -5.38 5.94 12.25
N HIS A 246 -5.83 5.47 13.42
CA HIS A 246 -6.79 6.20 14.24
C HIS A 246 -6.28 6.21 15.69
N VAL A 247 -6.06 7.40 16.21
CA VAL A 247 -5.41 7.58 17.50
C VAL A 247 -6.43 7.59 18.63
N GLN A 248 -7.60 8.21 18.47
CA GLN A 248 -8.53 8.26 19.61
C GLN A 248 -8.98 6.84 20.01
N PRO A 249 -9.24 6.61 21.30
CA PRO A 249 -9.71 5.28 21.74
C PRO A 249 -10.90 4.79 20.94
N ARG A 250 -10.87 3.51 20.58
CA ARG A 250 -11.91 2.87 19.79
C ARG A 250 -12.02 1.41 20.21
N THR A 251 -13.16 0.80 19.90
CA THR A 251 -13.43 -0.58 20.23
C THR A 251 -13.90 -1.35 19.02
N ILE A 252 -13.32 -2.54 18.81
CA ILE A 252 -13.79 -3.44 17.75
C ILE A 252 -14.15 -4.78 18.37
N TYR A 253 -15.11 -5.44 17.73
CA TYR A 253 -15.64 -6.72 18.19
C TYR A 253 -15.38 -7.75 17.10
N LEU A 254 -14.91 -8.91 17.50
CA LEU A 254 -14.65 -10.02 16.61
C LEU A 254 -15.33 -11.27 17.12
N CYS A 255 -15.98 -12.00 16.22
CA CYS A 255 -16.46 -13.34 16.58
C CYS A 255 -16.56 -14.18 15.31
N ARG A 256 -16.74 -15.47 15.52
CA ARG A 256 -17.02 -16.34 14.41
C ARG A 256 -18.48 -16.39 14.11
N NEP A 257 -18.79 -16.87 12.90
CA NEP A 257 -20.14 -17.30 12.62
C NEP A 257 -20.60 -18.23 13.76
O NEP A 257 -19.83 -18.93 14.41
CB NEP A 257 -20.21 -18.20 11.39
CG NEP A 257 -19.20 -19.28 11.42
ND1 NEP A 257 -19.53 -20.54 11.95
CD2 NEP A 257 -17.88 -19.34 10.92
CE1 NEP A 257 -18.43 -21.28 11.81
NE2 NEP A 257 -17.38 -20.65 11.19
P NEP A 257 -15.89 -21.26 10.85
O1P NEP A 257 -15.82 -22.83 10.61
O2P NEP A 257 -14.80 -20.89 11.72
O3P NEP A 257 -15.57 -21.17 9.30
HA NEP A 257 -20.84 -16.42 12.53
HB2 NEP A 257 -20.06 -17.59 10.46
HB3 NEP A 257 -21.24 -18.66 11.34
HD2 NEP A 257 -17.25 -18.59 10.43
HE1 NEP A 257 -18.37 -22.32 12.14
N GLY A 258 -21.90 -18.28 13.99
CA GLY A 258 -22.45 -19.30 14.88
C GLY A 258 -22.10 -20.68 14.37
N GLU A 259 -22.12 -21.66 15.27
CA GLU A 259 -21.81 -23.04 14.93
C GLU A 259 -22.46 -23.47 13.63
N SER A 260 -21.68 -24.10 12.75
CA SER A 260 -22.18 -24.57 11.49
C SER A 260 -22.40 -26.08 11.52
N GLU A 261 -23.09 -26.57 10.50
CA GLU A 261 -23.26 -28.01 10.34
C GLU A 261 -21.94 -28.72 10.17
N PHE A 262 -21.05 -28.13 9.36
CA PHE A 262 -19.75 -28.76 9.17
C PHE A 262 -18.96 -28.74 10.47
N ASN A 263 -19.10 -27.68 11.29
CA ASN A 263 -18.45 -27.73 12.60
C ASN A 263 -18.90 -28.99 13.37
N LEU A 264 -20.23 -29.26 13.40
CA LEU A 264 -20.73 -30.45 14.10
C LEU A 264 -20.16 -31.74 13.53
N LEU A 265 -19.90 -31.77 12.21
CA LEU A 265 -19.31 -32.93 11.56
C LEU A 265 -17.79 -32.97 11.64
N GLY A 266 -17.14 -31.94 12.16
CA GLY A 266 -15.69 -31.94 12.15
C GLY A 266 -15.05 -31.71 10.79
N LYS A 267 -15.80 -31.18 9.83
CA LYS A 267 -15.32 -30.95 8.49
C LYS A 267 -14.81 -29.52 8.36
N ILE A 268 -13.67 -29.36 7.67
CA ILE A 268 -13.11 -28.04 7.49
C ILE A 268 -13.64 -27.45 6.19
N GLY A 269 -13.57 -26.13 6.10
CA GLY A 269 -13.93 -25.46 4.84
C GLY A 269 -15.42 -25.54 4.53
N GLY A 270 -15.72 -25.51 3.23
CA GLY A 270 -17.06 -25.64 2.75
C GLY A 270 -17.89 -24.40 2.96
N ASP A 271 -19.16 -24.53 2.62
CA ASP A 271 -20.09 -23.42 2.72
C ASP A 271 -21.40 -23.90 3.34
N SER A 272 -21.30 -24.60 4.45
CA SER A 272 -22.50 -25.10 5.16
C SER A 272 -23.19 -23.97 5.95
N GLY A 273 -24.48 -24.16 6.21
CA GLY A 273 -25.23 -23.24 7.04
C GLY A 273 -25.08 -23.45 8.55
N LEU A 274 -25.74 -22.57 9.30
CA LEU A 274 -25.77 -22.66 10.76
C LEU A 274 -26.47 -23.92 11.24
N SER A 275 -25.90 -24.57 12.26
CA SER A 275 -26.67 -25.51 13.06
C SER A 275 -27.76 -24.79 13.82
N VAL A 276 -28.66 -25.55 14.44
CA VAL A 276 -29.69 -24.90 15.26
C VAL A 276 -29.06 -24.17 16.43
N ARG A 277 -27.91 -24.65 16.92
CA ARG A 277 -27.25 -23.89 17.97
C ARG A 277 -26.60 -22.63 17.41
N GLY A 278 -26.05 -22.69 16.19
CA GLY A 278 -25.53 -21.46 15.57
C GLY A 278 -26.61 -20.41 15.40
N LYS A 279 -27.83 -20.83 15.07
CA LYS A 279 -28.94 -19.88 15.00
C LYS A 279 -29.26 -19.30 16.37
N GLN A 280 -29.25 -20.12 17.42
CA GLN A 280 -29.44 -19.58 18.77
C GLN A 280 -28.35 -18.57 19.12
N PHE A 281 -27.11 -18.85 18.72
CA PHE A 281 -26.04 -17.90 18.97
C PHE A 281 -26.33 -16.57 18.29
N ALA A 282 -26.74 -16.64 17.02
CA ALA A 282 -27.07 -15.42 16.31
C ALA A 282 -28.12 -14.61 17.05
N GLN A 283 -29.14 -15.25 17.61
CA GLN A 283 -30.14 -14.52 18.40
C GLN A 283 -29.53 -13.93 19.64
N ALA A 284 -28.70 -14.70 20.34
CA ALA A 284 -28.04 -14.16 21.52
C ALA A 284 -27.11 -13.01 21.17
N LEU A 285 -26.48 -13.07 19.99
CA LEU A 285 -25.60 -11.99 19.57
C LEU A 285 -26.39 -10.70 19.40
N ARG A 286 -27.57 -10.80 18.82
CA ARG A 286 -28.43 -9.62 18.70
C ARG A 286 -28.68 -9.00 20.07
N LYS A 287 -29.05 -9.82 21.04
CA LYS A 287 -29.31 -9.31 22.38
C LYS A 287 -28.06 -8.68 22.97
N PHE A 288 -26.90 -9.32 22.79
CA PHE A 288 -25.68 -8.76 23.33
C PHE A 288 -25.39 -7.40 22.70
N LEU A 289 -25.61 -7.28 21.40
CA LEU A 289 -25.29 -6.01 20.75
C LEU A 289 -26.23 -4.91 21.24
N GLU A 290 -27.52 -5.21 21.36
CA GLU A 290 -28.44 -4.24 21.94
C GLU A 290 -27.97 -3.78 23.32
N GLU A 291 -27.61 -4.72 24.19
CA GLU A 291 -27.18 -4.36 25.54
C GLU A 291 -25.92 -3.52 25.52
N GLN A 292 -25.04 -3.70 24.53
CA GLN A 292 -23.81 -2.93 24.50
C GLN A 292 -24.04 -1.46 24.13
N GLU A 293 -25.19 -1.12 23.55
CA GLU A 293 -25.53 0.26 23.19
C GLU A 293 -24.40 0.90 22.36
N ILE A 294 -24.20 0.34 21.17
CA ILE A 294 -23.08 0.73 20.31
C ILE A 294 -23.57 1.78 19.33
N THR A 295 -22.88 2.91 19.30
CA THR A 295 -23.19 3.97 18.35
C THR A 295 -22.66 3.62 16.96
N ASP A 296 -23.54 3.71 15.95
CA ASP A 296 -23.11 3.59 14.55
C ASP A 296 -22.45 2.25 14.28
N LEU A 297 -23.03 1.17 14.82
CA LEU A 297 -22.44 -0.14 14.64
C LEU A 297 -22.38 -0.50 13.17
N LYS A 298 -21.23 -0.98 12.73
CA LYS A 298 -21.08 -1.61 11.43
C LYS A 298 -20.85 -3.10 11.64
N VAL A 299 -21.41 -3.92 10.75
CA VAL A 299 -21.27 -5.37 10.82
C VAL A 299 -20.69 -5.84 9.51
N TRP A 300 -19.55 -6.53 9.58
CA TRP A 300 -18.91 -7.08 8.40
C TRP A 300 -18.90 -8.60 8.50
N THR A 301 -19.23 -9.26 7.38
CA THR A 301 -19.24 -10.69 7.29
C THR A 301 -18.39 -11.11 6.11
N SER A 302 -18.22 -12.40 5.95
CA SER A 302 -17.64 -12.93 4.72
C SER A 302 -18.77 -13.15 3.72
N GLN A 303 -18.47 -13.82 2.60
CA GLN A 303 -19.48 -14.20 1.62
C GLN A 303 -19.97 -15.61 1.83
N LEU A 304 -19.54 -16.27 2.91
CA LEU A 304 -19.98 -17.63 3.18
C LEU A 304 -21.27 -17.60 4.02
N LYS A 305 -22.15 -18.54 3.72
CA LYS A 305 -23.50 -18.58 4.26
C LYS A 305 -23.50 -18.46 5.78
N ARG A 306 -22.57 -19.15 6.45
CA ARG A 306 -22.64 -19.20 7.91
C ARG A 306 -22.42 -17.84 8.55
N THR A 307 -21.57 -16.95 7.98
CA THR A 307 -21.45 -15.63 8.59
C THR A 307 -22.64 -14.75 8.22
N ILE A 308 -23.09 -14.85 6.95
CA ILE A 308 -24.26 -14.10 6.50
C ILE A 308 -25.46 -14.43 7.37
N GLN A 309 -25.71 -15.72 7.57
CA GLN A 309 -26.85 -16.13 8.38
C GLN A 309 -26.73 -15.60 9.80
N THR A 310 -25.51 -15.49 10.32
CA THR A 310 -25.35 -14.96 11.65
C THR A 310 -25.76 -13.49 11.70
N ALA A 311 -25.34 -12.71 10.70
CA ALA A 311 -25.66 -11.28 10.65
C ALA A 311 -27.13 -11.03 10.35
N GLU A 312 -27.76 -11.91 9.57
CA GLU A 312 -29.14 -11.69 9.17
C GLU A 312 -30.07 -11.61 10.37
N SER A 313 -29.70 -12.27 11.47
CA SER A 313 -30.50 -12.27 12.68
C SER A 313 -30.37 -11.01 13.52
N LEU A 314 -29.49 -10.08 13.14
CA LEU A 314 -29.15 -8.96 14.01
C LEU A 314 -30.08 -7.76 13.83
N GLY A 315 -30.84 -7.71 12.75
CA GLY A 315 -31.72 -6.57 12.53
C GLY A 315 -31.02 -5.29 12.17
N VAL A 316 -29.80 -5.36 11.63
CA VAL A 316 -29.10 -4.15 11.19
C VAL A 316 -28.40 -4.42 9.90
N PRO A 317 -28.13 -3.41 9.09
CA PRO A 317 -27.45 -3.63 7.82
C PRO A 317 -26.05 -4.20 8.04
N TYR A 318 -25.61 -5.00 7.09
CA TYR A 318 -24.28 -5.58 7.17
C TYR A 318 -23.68 -5.63 5.76
N GLU A 319 -22.37 -5.76 5.75
CA GLU A 319 -21.58 -5.75 4.51
C GLU A 319 -20.77 -7.04 4.40
N GLN A 320 -20.89 -7.71 3.27
CA GLN A 320 -20.12 -8.91 2.97
C GLN A 320 -18.79 -8.56 2.31
N TRP A 321 -17.75 -9.25 2.73
CA TRP A 321 -16.41 -9.11 2.17
C TRP A 321 -15.91 -10.46 1.69
N LYS A 322 -15.61 -10.58 0.39
CA LYS A 322 -14.96 -11.78 -0.12
C LYS A 322 -13.67 -12.08 0.63
N ILE A 323 -12.89 -11.05 0.96
CA ILE A 323 -11.58 -11.29 1.57
C ILE A 323 -11.68 -11.75 3.01
N LEU A 324 -12.88 -11.75 3.60
CA LEU A 324 -13.07 -12.37 4.92
C LEU A 324 -13.41 -13.86 4.83
N ASN A 325 -13.54 -14.42 3.62
CA ASN A 325 -13.81 -15.85 3.49
C ASN A 325 -12.73 -16.66 4.19
N GLU A 326 -13.14 -17.80 4.74
CA GLU A 326 -12.23 -18.65 5.49
C GLU A 326 -11.10 -19.15 4.58
N ILE A 327 -9.97 -19.49 5.22
CA ILE A 327 -8.85 -20.07 4.52
C ILE A 327 -9.30 -21.20 3.60
N ASP A 328 -8.73 -21.25 2.40
CA ASP A 328 -9.08 -22.25 1.39
C ASP A 328 -8.21 -23.50 1.57
N ALA A 329 -8.84 -24.65 1.83
CA ALA A 329 -8.08 -25.84 2.10
C ALA A 329 -7.85 -26.71 0.87
N GLY A 330 -8.17 -26.20 -0.32
CA GLY A 330 -7.79 -26.90 -1.56
C GLY A 330 -8.43 -28.26 -1.67
N VAL A 331 -7.62 -29.27 -1.97
CA VAL A 331 -8.13 -30.62 -2.08
C VAL A 331 -8.60 -31.20 -0.75
N CYS A 332 -8.32 -30.52 0.36
CA CYS A 332 -8.79 -30.97 1.66
C CYS A 332 -10.10 -30.31 2.10
N GLU A 333 -10.68 -29.45 1.26
CA GLU A 333 -11.96 -28.85 1.59
C GLU A 333 -12.99 -29.93 1.91
N GLU A 334 -13.72 -29.73 3.01
CA GLU A 334 -14.86 -30.54 3.44
C GLU A 334 -14.44 -31.86 4.03
N MET A 335 -13.17 -32.05 4.32
CA MET A 335 -12.69 -33.25 5.01
C MET A 335 -12.49 -32.98 6.49
N THR A 336 -12.47 -34.06 7.27
CA THR A 336 -12.10 -33.97 8.67
C THR A 336 -10.60 -34.11 8.78
N TYR A 337 -10.06 -33.71 9.93
CA TYR A 337 -8.60 -33.87 10.12
C TYR A 337 -8.21 -35.34 10.05
N ALA A 338 -9.04 -36.22 10.63
CA ALA A 338 -8.76 -37.66 10.60
C ALA A 338 -8.75 -38.17 9.16
N GLU A 339 -9.72 -37.74 8.34
CA GLU A 339 -9.70 -38.12 6.93
C GLU A 339 -8.45 -37.58 6.23
N ILE A 340 -8.05 -36.35 6.53
CA ILE A 340 -6.87 -35.77 5.89
C ILE A 340 -5.61 -36.55 6.27
N GLU A 341 -5.44 -36.83 7.57
CA GLU A 341 -4.26 -37.57 8.00
C GLU A 341 -4.21 -38.94 7.32
N LYS A 342 -5.37 -39.58 7.19
CA LYS A 342 -5.47 -40.88 6.53
C LYS A 342 -5.12 -40.79 5.05
N ARG A 343 -5.76 -39.87 4.32
CA ARG A 343 -5.57 -39.78 2.88
C ARG A 343 -4.24 -39.12 2.49
N TYR A 344 -3.74 -38.17 3.29
CA TYR A 344 -2.55 -37.38 2.93
C TYR A 344 -1.59 -37.31 4.11
N PRO A 345 -1.11 -38.45 4.60
CA PRO A 345 -0.34 -38.43 5.85
C PRO A 345 0.89 -37.54 5.81
N GLU A 346 1.56 -37.49 4.67
CA GLU A 346 2.73 -36.64 4.50
C GLU A 346 2.35 -35.16 4.55
N GLU A 347 1.31 -34.75 3.83
CA GLU A 347 0.87 -33.36 3.89
C GLU A 347 0.45 -32.99 5.30
N PHE A 348 -0.27 -33.90 5.99
CA PHE A 348 -0.78 -33.60 7.33
C PHE A 348 0.37 -33.35 8.30
N ALA A 349 1.44 -34.16 8.21
CA ALA A 349 2.57 -33.96 9.10
C ALA A 349 3.32 -32.69 8.76
N LEU A 350 3.43 -32.36 7.47
CA LEU A 350 4.07 -31.13 7.05
C LEU A 350 3.38 -29.92 7.64
N ARG A 351 2.07 -29.90 7.60
CA ARG A 351 1.35 -28.73 8.09
C ARG A 351 1.57 -28.58 9.58
N ASP A 352 1.63 -29.69 10.33
CA ASP A 352 1.92 -29.61 11.75
C ASP A 352 3.30 -29.05 12.01
N GLN A 353 4.27 -29.34 11.13
CA GLN A 353 5.64 -28.86 11.33
C GLN A 353 5.74 -27.37 11.08
N GLU A 354 4.98 -26.86 10.07
CA GLU A 354 5.11 -25.50 9.57
C GLU A 354 3.73 -24.91 9.25
N LYS A 355 2.92 -24.69 10.29
CA LYS A 355 1.51 -24.39 10.05
C LYS A 355 1.31 -23.02 9.43
N TYR A 356 2.19 -22.06 9.70
CA TYR A 356 2.01 -20.72 9.12
C TYR A 356 2.27 -20.73 7.62
N LEU A 357 3.37 -21.36 7.20
CA LEU A 357 3.81 -21.30 5.81
C LEU A 357 3.22 -22.41 4.94
N TYR A 358 2.80 -23.54 5.52
CA TYR A 358 2.25 -24.63 4.74
C TYR A 358 1.09 -24.16 3.87
N ARG A 359 1.08 -24.63 2.63
CA ARG A 359 0.02 -24.29 1.70
C ARG A 359 -0.68 -25.58 1.30
N TYR A 360 -1.99 -25.62 1.52
CA TYR A 360 -2.77 -26.75 1.07
C TYR A 360 -2.63 -26.92 -0.44
N PRO A 361 -2.51 -28.15 -0.94
CA PRO A 361 -2.52 -28.33 -2.41
C PRO A 361 -3.85 -27.83 -2.97
N GLY A 362 -3.74 -26.88 -3.90
CA GLY A 362 -4.88 -26.20 -4.46
C GLY A 362 -5.48 -25.13 -3.59
N GLY A 363 -4.89 -24.84 -2.45
CA GLY A 363 -5.48 -23.88 -1.54
C GLY A 363 -4.47 -22.90 -1.01
N GLU A 364 -4.67 -22.49 0.23
CA GLU A 364 -3.97 -21.36 0.80
C GLU A 364 -3.15 -21.77 2.01
N SER A 365 -2.19 -20.92 2.32
CA SER A 365 -1.50 -20.90 3.61
C SER A 365 -2.00 -19.74 4.44
N TYR A 366 -1.66 -19.75 5.74
CA TYR A 366 -1.93 -18.59 6.56
C TYR A 366 -1.25 -17.33 6.01
N GLN A 367 -0.06 -17.48 5.42
CA GLN A 367 0.59 -16.31 4.83
C GLN A 367 -0.23 -15.74 3.71
N ASP A 368 -0.82 -16.60 2.86
CA ASP A 368 -1.74 -16.14 1.81
C ASP A 368 -2.92 -15.37 2.43
N LEU A 369 -3.44 -15.91 3.53
CA LEU A 369 -4.60 -15.32 4.19
C LEU A 369 -4.26 -13.95 4.73
N VAL A 370 -3.10 -13.85 5.38
CA VAL A 370 -2.64 -12.56 5.89
C VAL A 370 -2.60 -11.54 4.76
N GLN A 371 -2.03 -11.93 3.63
CA GLN A 371 -1.87 -10.96 2.54
C GLN A 371 -3.23 -10.46 2.05
N ARG A 372 -4.21 -11.34 1.91
CA ARG A 372 -5.45 -10.84 1.34
C ARG A 372 -6.29 -10.08 2.37
N LEU A 373 -5.97 -10.20 3.65
CA LEU A 373 -6.72 -9.48 4.68
C LEU A 373 -6.29 -8.04 4.87
N GLU A 374 -5.21 -7.59 4.23
CA GLU A 374 -4.70 -6.27 4.55
C GLU A 374 -5.75 -5.17 4.43
N PRO A 375 -6.64 -5.15 3.42
CA PRO A 375 -7.61 -4.05 3.36
C PRO A 375 -8.56 -4.03 4.53
N VAL A 376 -8.95 -5.19 5.04
CA VAL A 376 -9.82 -5.24 6.23
C VAL A 376 -9.05 -4.77 7.46
N ILE A 377 -7.79 -5.19 7.56
CA ILE A 377 -6.98 -4.73 8.67
C ILE A 377 -6.82 -3.21 8.66
N MET A 378 -6.60 -2.62 7.48
CA MET A 378 -6.47 -1.16 7.43
C MET A 378 -7.78 -0.48 7.84
N GLU A 379 -8.92 -1.04 7.42
CA GLU A 379 -10.18 -0.43 7.81
C GLU A 379 -10.45 -0.60 9.29
N LEU A 380 -9.93 -1.67 9.88
CA LEU A 380 -10.07 -1.83 11.33
C LEU A 380 -9.06 -1.00 12.12
N GLU A 381 -7.92 -0.59 11.53
CA GLU A 381 -7.06 0.39 12.17
C GLU A 381 -7.76 1.75 12.24
N ARG A 382 -8.57 2.04 11.25
CA ARG A 382 -9.16 3.36 11.05
C ARG A 382 -10.40 3.56 11.91
N GLN A 383 -11.23 2.51 12.06
CA GLN A 383 -12.60 2.62 12.56
C GLN A 383 -12.76 1.95 13.92
N GLY A 384 -13.72 2.46 14.69
CA GLY A 384 -14.25 1.73 15.82
C GLY A 384 -15.72 1.40 15.59
N ASN A 385 -16.28 0.69 16.56
CA ASN A 385 -17.67 0.24 16.51
C ASN A 385 -17.98 -0.57 15.25
N VAL A 386 -17.11 -1.52 15.01
CA VAL A 386 -17.25 -2.53 13.96
C VAL A 386 -17.27 -3.91 14.64
N LEU A 387 -18.22 -4.75 14.21
CA LEU A 387 -18.25 -6.17 14.53
C LEU A 387 -17.92 -6.94 13.24
N VAL A 388 -16.85 -7.74 13.31
CA VAL A 388 -16.45 -8.62 12.21
C VAL A 388 -16.88 -10.03 12.59
N ILE A 389 -17.77 -10.61 11.80
CA ILE A 389 -18.23 -11.99 11.92
C ILE A 389 -17.50 -12.79 10.85
N SER A 390 -16.52 -13.61 11.26
CA SER A 390 -15.72 -14.33 10.28
C SER A 390 -15.53 -15.79 10.69
N HIS A 391 -14.30 -16.27 10.75
CA HIS A 391 -13.98 -17.69 10.73
C HIS A 391 -12.73 -17.90 11.56
N GLN A 392 -12.46 -19.17 11.90
CA GLN A 392 -11.35 -19.48 12.79
C GLN A 392 -10.01 -18.92 12.28
N ALA A 393 -9.62 -19.28 11.05
CA ALA A 393 -8.28 -18.88 10.59
C ALA A 393 -8.23 -17.37 10.34
N VAL A 394 -9.29 -16.82 9.74
CA VAL A 394 -9.37 -15.38 9.52
C VAL A 394 -9.25 -14.63 10.83
N MET A 395 -10.00 -15.04 11.84
CA MET A 395 -10.00 -14.30 13.07
C MET A 395 -8.64 -14.41 13.78
N ARG A 396 -7.97 -15.55 13.67
CA ARG A 396 -6.60 -15.66 14.19
C ARG A 396 -5.69 -14.59 13.59
N CYS A 397 -5.80 -14.36 12.29
CA CYS A 397 -4.97 -13.34 11.66
C CYS A 397 -5.31 -11.95 12.21
N LEU A 398 -6.58 -11.64 12.35
CA LEU A 398 -6.96 -10.32 12.84
C LEU A 398 -6.50 -10.13 14.29
N LEU A 399 -6.67 -11.16 15.12
CA LEU A 399 -6.17 -11.10 16.50
C LEU A 399 -4.66 -10.94 16.54
N ALA A 400 -3.94 -11.71 15.72
CA ALA A 400 -2.49 -11.57 15.70
C ALA A 400 -2.07 -10.15 15.34
N TYR A 401 -2.80 -9.50 14.44
CA TYR A 401 -2.41 -8.15 14.07
C TYR A 401 -2.67 -7.18 15.22
N PHE A 402 -3.88 -7.20 15.77
CA PHE A 402 -4.24 -6.20 16.77
C PHE A 402 -3.69 -6.50 18.14
N LEU A 403 -3.32 -7.76 18.42
CA LEU A 403 -2.69 -8.13 19.69
C LEU A 403 -1.18 -8.34 19.56
N ASP A 404 -0.61 -8.06 18.40
CA ASP A 404 0.84 -8.08 18.19
C ASP A 404 1.41 -9.46 18.49
N LYS A 405 0.87 -10.49 17.83
CA LYS A 405 1.35 -11.85 17.93
C LYS A 405 2.13 -12.19 16.69
N GLY A 406 3.17 -13.02 16.86
CA GLY A 406 3.99 -13.42 15.73
C GLY A 406 3.41 -14.57 14.94
N ALA A 407 4.01 -14.78 13.77
CA ALA A 407 3.55 -15.81 12.83
C ALA A 407 3.60 -17.21 13.42
N ASP A 408 4.54 -17.45 14.32
CA ASP A 408 4.62 -18.71 15.06
C ASP A 408 3.35 -19.00 15.88
N GLU A 409 2.84 -18.00 16.58
CA GLU A 409 1.68 -18.21 17.43
C GLU A 409 0.35 -18.04 16.68
N LEU A 410 0.39 -17.28 15.60
CA LEU A 410 -0.83 -16.86 14.91
C LEU A 410 -1.73 -18.01 14.57
N PRO A 411 -1.24 -19.11 13.95
CA PRO A 411 -2.14 -20.22 13.55
C PRO A 411 -2.65 -21.03 14.71
N TYR A 412 -2.23 -20.72 15.94
CA TYR A 412 -2.69 -21.45 17.11
C TYR A 412 -3.46 -20.56 18.09
N LEU A 413 -3.75 -19.32 17.74
CA LEU A 413 -4.52 -18.48 18.64
C LEU A 413 -5.92 -19.08 18.82
N ARG A 414 -6.46 -18.98 20.03
CA ARG A 414 -7.72 -19.66 20.36
C ARG A 414 -8.89 -18.69 20.18
N CYS A 415 -9.85 -19.05 19.33
CA CYS A 415 -11.05 -18.22 19.17
C CYS A 415 -12.27 -19.14 19.09
N PRO A 416 -12.82 -19.48 20.24
CA PRO A 416 -13.96 -20.41 20.30
C PRO A 416 -15.20 -19.87 19.61
N LEU A 417 -15.98 -20.80 19.07
CA LEU A 417 -17.33 -20.49 18.62
C LEU A 417 -18.12 -19.90 19.79
N HIS A 418 -18.97 -18.92 19.49
CA HIS A 418 -19.95 -18.34 20.39
C HIS A 418 -19.33 -17.45 21.47
N THR A 419 -18.10 -17.02 21.25
CA THR A 419 -17.40 -16.09 22.12
C THR A 419 -17.05 -14.83 21.34
N ILE A 420 -17.35 -13.68 21.95
CA ILE A 420 -17.09 -12.36 21.39
C ILE A 420 -15.77 -11.87 21.95
N PHE A 421 -14.88 -11.40 21.08
CA PHE A 421 -13.68 -10.71 21.51
C PHE A 421 -13.89 -9.20 21.38
N LYS A 422 -13.77 -8.50 22.47
CA LYS A 422 -13.93 -7.05 22.49
C LYS A 422 -12.56 -6.41 22.73
N LEU A 423 -12.10 -5.66 21.75
CA LEU A 423 -10.75 -5.13 21.67
C LEU A 423 -10.73 -3.60 21.73
N THR A 424 -9.91 -3.06 22.62
CA THR A 424 -9.66 -1.62 22.71
C THR A 424 -8.16 -1.35 22.65
N PRO A 425 -7.62 -1.05 21.46
CA PRO A 425 -6.17 -0.82 21.32
C PRO A 425 -5.70 0.38 22.13
N VAL A 426 -4.51 0.26 22.73
CA VAL A 426 -3.86 1.39 23.42
C VAL A 426 -2.41 1.49 22.92
N ALA A 427 -1.70 2.56 23.33
CA ALA A 427 -0.34 2.77 22.79
C ALA A 427 0.56 1.55 23.02
N TYR A 428 0.49 0.93 24.18
CA TYR A 428 1.31 -0.26 24.44
C TYR A 428 0.45 -1.52 24.55
N GLY A 429 -0.26 -1.84 23.49
CA GLY A 429 -0.96 -3.10 23.36
C GLY A 429 -2.45 -2.91 23.06
N CYS A 430 -3.26 -3.74 23.69
CA CYS A 430 -4.67 -3.81 23.35
C CYS A 430 -5.41 -4.42 24.53
N LYS A 431 -6.42 -3.74 25.03
CA LYS A 431 -7.33 -4.37 26.00
C LYS A 431 -8.18 -5.40 25.27
N VAL A 432 -8.31 -6.59 25.88
CA VAL A 432 -9.11 -7.70 25.33
C VAL A 432 -10.07 -8.15 26.40
N GLU A 433 -11.36 -8.12 26.09
CA GLU A 433 -12.39 -8.76 26.92
C GLU A 433 -13.05 -9.85 26.08
N THR A 434 -13.21 -11.05 26.65
CA THR A 434 -13.98 -12.11 25.99
C THR A 434 -15.33 -12.30 26.69
N ILE A 435 -16.36 -12.48 25.87
CA ILE A 435 -17.72 -12.65 26.36
C ILE A 435 -18.27 -13.92 25.73
N LYS A 436 -18.42 -14.94 26.55
CA LYS A 436 -18.97 -16.21 26.13
C LYS A 436 -20.49 -16.08 26.16
N LEU A 437 -21.16 -16.16 25.01
CA LEU A 437 -22.62 -16.15 25.06
C LEU A 437 -23.13 -17.55 25.40
N ASN A 438 -24.38 -17.58 25.88
CA ASN A 438 -24.86 -18.78 26.59
C ASN A 438 -25.46 -19.81 25.65
N VAL A 439 -24.71 -20.22 24.62
CA VAL A 439 -25.12 -21.24 23.68
C VAL A 439 -23.91 -22.14 23.46
N GLU A 440 -24.09 -23.45 23.69
CA GLU A 440 -22.98 -24.38 23.51
C GLU A 440 -22.65 -24.57 22.04
N ALA A 441 -21.41 -25.00 21.82
CA ALA A 441 -20.84 -25.22 20.49
C ALA A 441 -19.73 -26.25 20.62
N VAL A 442 -19.47 -26.99 19.54
CA VAL A 442 -18.30 -27.84 19.50
C VAL A 442 -17.00 -27.02 19.52
N ASN A 443 -15.93 -27.74 19.82
CA ASN A 443 -14.55 -27.23 19.83
C ASN A 443 -13.90 -27.58 18.51
N THR A 444 -13.42 -26.58 17.77
CA THR A 444 -12.77 -26.79 16.48
C THR A 444 -11.27 -26.53 16.54
N HIS A 445 -10.73 -26.31 17.73
CA HIS A 445 -9.33 -25.96 17.90
C HIS A 445 -8.48 -27.22 18.01
N ARG A 446 -7.58 -27.45 17.05
CA ARG A 446 -6.65 -28.57 17.15
C ARG A 446 -5.25 -28.08 17.55
N ASP A 447 -4.76 -28.54 18.69
CA ASP A 447 -3.45 -28.15 19.18
C ASP A 447 -2.35 -28.77 18.33
N LYS A 448 -1.20 -28.10 18.29
CA LYS A 448 -0.04 -28.71 17.67
C LYS A 448 0.32 -29.99 18.44
N PRO A 449 0.62 -31.10 17.76
CA PRO A 449 1.00 -32.31 18.48
C PRO A 449 2.24 -32.08 19.34
N THR A 450 2.24 -32.69 20.49
CA THR A 450 3.18 -32.41 21.55
C THR A 450 3.95 -33.68 21.94
N ASN A 451 5.16 -33.51 22.47
CA ASN A 451 5.87 -34.57 23.16
C ASN A 451 6.31 -35.71 22.25
N ASN A 452 6.44 -35.50 20.94
CA ASN A 452 6.86 -36.59 20.07
C ASN A 452 8.36 -36.60 19.88
N PHE A 453 8.90 -37.80 19.64
CA PHE A 453 10.31 -38.03 19.39
C PHE A 453 10.48 -38.42 17.90
N PRO A 454 11.54 -37.93 17.21
CA PRO A 454 12.70 -37.12 17.57
C PRO A 454 12.43 -35.68 18.05
N LYS A 455 12.22 -34.74 17.13
CA LYS A 455 12.19 -33.30 17.47
C LYS A 455 11.26 -33.02 18.65
N ALA B 31 -23.08 10.51 -0.92
CA ALA B 31 -23.33 9.51 0.10
C ALA B 31 -22.21 8.46 0.05
N SER B 32 -22.10 7.65 1.09
CA SER B 32 -20.96 6.78 1.26
C SER B 32 -21.34 5.65 2.20
N TYR B 33 -22.60 5.24 2.17
CA TYR B 33 -23.15 4.43 3.26
C TYR B 33 -22.43 3.08 3.46
N MET B 34 -21.67 2.56 2.50
CA MET B 34 -20.96 1.30 2.66
C MET B 34 -19.46 1.51 2.60
N THR B 35 -18.71 0.65 3.27
CA THR B 35 -17.25 0.80 3.24
C THR B 35 -16.71 0.57 1.82
N ASN B 36 -17.35 -0.30 1.03
CA ASN B 36 -16.85 -0.65 -0.30
C ASN B 36 -17.73 -0.13 -1.45
N SER B 37 -18.43 0.99 -1.24
CA SER B 37 -19.20 1.63 -2.31
C SER B 37 -18.27 2.15 -3.41
N PRO B 38 -18.77 2.37 -4.62
CA PRO B 38 -17.92 2.85 -5.72
C PRO B 38 -17.42 4.27 -5.48
N THR B 39 -16.33 4.57 -6.16
CA THR B 39 -15.61 5.83 -5.97
C THR B 39 -15.40 6.53 -7.32
N LEU B 40 -15.61 7.84 -7.27
CA LEU B 40 -15.37 8.74 -8.36
C LEU B 40 -14.14 9.55 -7.98
N ILE B 41 -13.04 9.34 -8.71
CA ILE B 41 -11.82 10.13 -8.58
C ILE B 41 -11.92 11.30 -9.55
N VAL B 42 -11.78 12.52 -9.05
CA VAL B 42 -12.00 13.73 -9.85
C VAL B 42 -10.69 14.51 -9.96
N MET B 43 -10.14 14.59 -11.17
CA MET B 43 -8.96 15.41 -11.39
C MET B 43 -9.34 16.88 -11.36
N ILE B 44 -8.41 17.70 -10.89
CA ILE B 44 -8.50 19.15 -10.93
C ILE B 44 -7.16 19.72 -11.40
N GLY B 45 -7.23 20.70 -12.28
CA GLY B 45 -6.04 21.51 -12.53
C GLY B 45 -6.11 22.29 -13.82
N LEU B 46 -5.23 23.28 -13.90
CA LEU B 46 -5.02 24.01 -15.14
C LEU B 46 -4.51 23.08 -16.22
N PRO B 47 -4.58 23.49 -17.49
CA PRO B 47 -3.96 22.70 -18.56
C PRO B 47 -2.47 22.54 -18.31
N ALA B 48 -1.91 21.46 -18.86
CA ALA B 48 -0.49 21.13 -18.79
C ALA B 48 -0.04 20.92 -17.36
N ARG B 49 -0.84 20.20 -16.57
CA ARG B 49 -0.47 19.89 -15.20
C ARG B 49 -0.24 18.40 -14.95
N GLY B 50 -0.14 17.60 -16.01
CA GLY B 50 0.02 16.17 -15.87
C GLY B 50 -1.25 15.42 -15.56
N LYS B 51 -2.41 16.05 -15.72
CA LYS B 51 -3.66 15.45 -15.24
C LYS B 51 -3.95 14.17 -15.98
N THR B 52 -3.78 14.22 -17.28
CA THR B 52 -4.14 13.12 -18.12
C THR B 52 -3.13 11.94 -17.90
N TYR B 53 -1.82 12.22 -17.77
CA TYR B 53 -0.87 11.17 -17.38
C TYR B 53 -1.24 10.52 -16.04
N VAL B 54 -1.46 11.34 -15.01
CA VAL B 54 -1.79 10.81 -13.70
C VAL B 54 -3.05 9.94 -13.75
N SER B 55 -4.10 10.43 -14.41
CA SER B 55 -5.35 9.68 -14.54
C SER B 55 -5.13 8.29 -15.11
N LYS B 56 -4.36 8.23 -16.20
CA LYS B 56 -4.17 6.97 -16.91
C LYS B 56 -3.30 6.01 -16.11
N LYS B 57 -2.23 6.52 -15.51
CA LYS B 57 -1.33 5.61 -14.81
C LYS B 57 -1.95 5.12 -13.51
N LEU B 58 -2.66 6.01 -12.80
CA LEU B 58 -3.41 5.59 -11.62
C LEU B 58 -4.48 4.56 -11.97
N THR B 59 -5.21 4.79 -13.07
CA THR B 59 -6.19 3.81 -13.53
C THR B 59 -5.54 2.47 -13.82
N ARG B 60 -4.36 2.47 -14.47
CA ARG B 60 -3.71 1.20 -14.72
C ARG B 60 -3.34 0.50 -13.43
N TYR B 61 -2.79 1.24 -12.47
CA TYR B 61 -2.39 0.67 -11.19
C TYR B 61 -3.59 0.09 -10.44
N LEU B 62 -4.70 0.80 -10.45
CA LEU B 62 -5.86 0.30 -9.72
C LEU B 62 -6.38 -1.03 -10.32
N ASN B 63 -6.44 -1.10 -11.65
CA ASN B 63 -6.77 -2.34 -12.32
C ASN B 63 -5.76 -3.45 -12.02
N TRP B 64 -4.46 -3.12 -11.99
CA TRP B 64 -3.43 -4.09 -11.66
C TRP B 64 -3.65 -4.74 -10.30
N ILE B 65 -4.06 -3.98 -9.30
CA ILE B 65 -4.29 -4.59 -7.99
C ILE B 65 -5.69 -5.15 -7.87
N GLY B 66 -6.45 -5.22 -8.95
CA GLY B 66 -7.70 -5.95 -8.98
C GLY B 66 -8.93 -5.10 -8.75
N VAL B 67 -8.82 -3.79 -8.87
CA VAL B 67 -9.98 -2.91 -8.66
C VAL B 67 -10.41 -2.40 -10.04
N PRO B 68 -11.56 -2.86 -10.58
CA PRO B 68 -11.97 -2.42 -11.93
C PRO B 68 -12.18 -0.92 -11.98
N THR B 69 -11.39 -0.28 -12.83
CA THR B 69 -11.33 1.17 -12.91
C THR B 69 -11.34 1.61 -14.37
N LYS B 70 -12.01 2.70 -14.65
CA LYS B 70 -12.07 3.25 -16.00
C LYS B 70 -11.87 4.75 -15.97
N VAL B 71 -11.07 5.26 -16.93
CA VAL B 71 -10.87 6.70 -17.07
C VAL B 71 -11.86 7.28 -18.07
N PHE B 72 -12.29 8.50 -17.79
CA PHE B 72 -13.19 9.27 -18.62
C PHE B 72 -12.46 10.58 -18.95
N ASN B 73 -12.01 10.72 -20.20
CA ASN B 73 -11.19 11.83 -20.65
C ASN B 73 -12.12 12.85 -21.30
N LEU B 74 -12.33 13.97 -20.62
CA LEU B 74 -13.28 14.95 -21.10
C LEU B 74 -12.78 15.64 -22.35
N GLY B 75 -11.47 15.71 -22.56
CA GLY B 75 -10.95 16.16 -23.85
C GLY B 75 -11.53 15.38 -25.02
N VAL B 76 -11.59 14.05 -24.90
CA VAL B 76 -12.16 13.21 -25.96
C VAL B 76 -13.65 13.51 -26.11
N TYR B 77 -14.37 13.58 -24.99
CA TYR B 77 -15.81 13.86 -25.07
C TYR B 77 -16.08 15.16 -25.83
N ARG B 78 -15.34 16.21 -25.49
CA ARG B 78 -15.61 17.51 -26.05
C ARG B 78 -15.18 17.57 -27.53
N ARG B 79 -14.00 17.00 -27.87
CA ARG B 79 -13.59 16.97 -29.26
C ARG B 79 -14.61 16.24 -30.12
N GLU B 80 -15.12 15.11 -29.61
CA GLU B 80 -16.09 14.35 -30.38
C GLU B 80 -17.38 15.12 -30.57
N ALA B 81 -17.80 15.90 -29.55
CA ALA B 81 -19.05 16.63 -29.64
C ALA B 81 -18.95 17.84 -30.58
N VAL B 82 -17.84 18.58 -30.52
CA VAL B 82 -17.78 19.83 -31.28
C VAL B 82 -17.24 19.59 -32.68
N LYS B 83 -16.67 18.41 -32.94
CA LYS B 83 -16.31 17.94 -34.27
C LYS B 83 -15.23 18.78 -34.92
N SER B 84 -14.42 19.48 -34.12
CA SER B 84 -13.30 20.24 -34.64
C SER B 84 -12.31 20.55 -33.54
N TYR B 85 -11.15 21.00 -33.96
CA TYR B 85 -10.20 21.57 -33.01
C TYR B 85 -10.66 22.97 -32.63
N LYS B 86 -10.34 23.37 -31.41
CA LYS B 86 -10.80 24.65 -30.89
C LYS B 86 -9.64 25.55 -30.47
N SER B 87 -9.75 26.81 -30.84
CA SER B 87 -8.82 27.85 -30.42
C SER B 87 -9.12 28.28 -29.00
N TYR B 88 -8.24 29.11 -28.44
CA TYR B 88 -8.36 29.48 -27.04
C TYR B 88 -9.69 30.18 -26.78
N ASP B 89 -10.29 30.75 -27.82
CA ASP B 89 -11.54 31.50 -27.68
C ASP B 89 -12.64 30.64 -27.11
N PHE B 90 -12.66 29.36 -27.46
CA PHE B 90 -13.64 28.41 -26.95
C PHE B 90 -13.57 28.27 -25.43
N PHE B 91 -12.42 28.55 -24.83
CA PHE B 91 -12.16 28.26 -23.42
C PHE B 91 -12.30 29.48 -22.52
N ARG B 92 -12.76 30.60 -23.07
CA ARG B 92 -13.14 31.75 -22.28
C ARG B 92 -14.31 31.43 -21.37
N HIS B 93 -14.18 31.80 -20.09
CA HIS B 93 -15.28 31.58 -19.17
C HIS B 93 -16.52 32.37 -19.56
N ASP B 94 -16.36 33.44 -20.32
CA ASP B 94 -17.48 34.27 -20.77
C ASP B 94 -18.01 33.89 -22.16
N ASN B 95 -17.50 32.84 -22.79
CA ASN B 95 -18.02 32.35 -24.07
C ASN B 95 -19.24 31.49 -23.75
N GLU B 96 -20.42 32.13 -23.69
CA GLU B 96 -21.63 31.46 -23.20
C GLU B 96 -21.94 30.21 -24.00
N GLU B 97 -21.80 30.29 -25.31
CA GLU B 97 -22.17 29.14 -26.13
C GLU B 97 -21.20 27.98 -25.89
N ALA B 98 -19.91 28.28 -25.76
CA ALA B 98 -18.94 27.24 -25.47
C ALA B 98 -19.19 26.65 -24.08
N MET B 99 -19.44 27.50 -23.09
CA MET B 99 -19.63 27.01 -21.73
C MET B 99 -20.79 26.01 -21.67
N LYS B 100 -21.84 26.24 -22.46
CA LYS B 100 -22.99 25.35 -22.42
C LYS B 100 -22.66 23.98 -23.02
N ILE B 101 -21.90 23.98 -24.12
CA ILE B 101 -21.44 22.72 -24.71
C ILE B 101 -20.54 21.97 -23.74
N ARG B 102 -19.61 22.69 -23.10
CA ARG B 102 -18.67 22.05 -22.18
C ARG B 102 -19.41 21.47 -20.99
N LYS B 103 -20.42 22.18 -20.50
CA LYS B 103 -21.23 21.64 -19.40
C LYS B 103 -21.99 20.39 -19.83
N GLN B 104 -22.55 20.40 -21.03
CA GLN B 104 -23.28 19.22 -21.50
C GLN B 104 -22.35 18.00 -21.65
N CYS B 105 -21.11 18.20 -22.12
CA CYS B 105 -20.14 17.11 -22.17
C CYS B 105 -19.85 16.54 -20.78
N ALA B 106 -19.65 17.40 -19.79
CA ALA B 106 -19.44 16.93 -18.43
C ALA B 106 -20.63 16.09 -17.96
N LEU B 107 -21.85 16.54 -18.26
CA LEU B 107 -23.04 15.79 -17.88
C LEU B 107 -23.14 14.45 -18.61
N VAL B 108 -22.77 14.40 -19.90
CA VAL B 108 -22.79 13.13 -20.62
C VAL B 108 -21.77 12.16 -20.01
N ALA B 109 -20.57 12.65 -19.74
CA ALA B 109 -19.54 11.80 -19.15
C ALA B 109 -19.98 11.28 -17.78
N LEU B 110 -20.64 12.13 -16.99
CA LEU B 110 -21.15 11.66 -15.69
C LEU B 110 -22.19 10.56 -15.87
N GLU B 111 -23.02 10.66 -16.90
CA GLU B 111 -23.98 9.57 -17.13
C GLU B 111 -23.26 8.28 -17.50
N ASP B 112 -22.17 8.35 -18.29
CA ASP B 112 -21.37 7.16 -18.57
C ASP B 112 -20.69 6.63 -17.31
N VAL B 113 -20.22 7.53 -16.43
CA VAL B 113 -19.69 7.10 -15.13
C VAL B 113 -20.76 6.30 -14.37
N LYS B 114 -21.99 6.83 -14.33
CA LYS B 114 -23.06 6.16 -13.59
C LYS B 114 -23.29 4.75 -14.13
N ALA B 115 -23.36 4.62 -15.46
CA ALA B 115 -23.55 3.31 -16.07
C ALA B 115 -22.38 2.39 -15.75
N TYR B 116 -21.17 2.91 -15.87
CA TYR B 116 -20.00 2.09 -15.59
C TYR B 116 -20.05 1.56 -14.16
N LEU B 117 -20.38 2.41 -13.21
CA LEU B 117 -20.33 2.02 -11.83
C LEU B 117 -21.58 1.26 -11.36
N THR B 118 -22.70 1.31 -12.07
CA THR B 118 -23.92 0.65 -11.62
C THR B 118 -24.40 -0.47 -12.52
N GLU B 119 -24.09 -0.43 -13.81
CA GLU B 119 -24.50 -1.48 -14.73
C GLU B 119 -23.35 -2.35 -15.19
N GLU B 120 -22.13 -1.85 -15.21
CA GLU B 120 -21.01 -2.58 -15.80
C GLU B 120 -20.05 -3.14 -14.73
N ASN B 121 -20.41 -3.07 -13.46
CA ASN B 121 -19.59 -3.62 -12.38
C ASN B 121 -18.24 -2.92 -12.26
N GLY B 122 -18.15 -1.65 -12.66
CA GLY B 122 -16.97 -0.88 -12.33
C GLY B 122 -16.95 -0.52 -10.87
N GLN B 123 -15.77 -0.29 -10.34
CA GLN B 123 -15.64 0.11 -8.94
C GLN B 123 -15.11 1.52 -8.77
N ILE B 124 -14.24 1.98 -9.68
CA ILE B 124 -13.71 3.32 -9.60
C ILE B 124 -13.75 3.97 -10.98
N ALA B 125 -14.24 5.19 -11.02
CA ALA B 125 -14.22 6.00 -12.24
C ALA B 125 -13.30 7.18 -12.03
N VAL B 126 -12.44 7.44 -13.01
CA VAL B 126 -11.50 8.55 -12.97
C VAL B 126 -11.94 9.56 -14.02
N PHE B 127 -12.25 10.74 -13.54
CA PHE B 127 -12.83 11.80 -14.33
C PHE B 127 -11.71 12.80 -14.60
N ASP B 128 -11.12 12.72 -15.81
CA ASP B 128 -9.99 13.58 -16.20
C ASP B 128 -10.52 14.82 -16.94
N ALA B 129 -10.55 15.94 -16.22
CA ALA B 129 -10.97 17.26 -16.71
C ALA B 129 -10.26 18.32 -15.87
N THR B 130 -10.46 19.59 -16.22
CA THR B 130 -9.85 20.66 -15.44
C THR B 130 -10.60 20.89 -14.10
N ASN B 131 -11.93 21.00 -14.16
CA ASN B 131 -12.75 21.09 -12.95
C ASN B 131 -12.23 22.17 -12.02
N THR B 132 -11.85 23.30 -12.61
CA THR B 132 -11.18 24.35 -11.85
C THR B 132 -12.12 25.32 -11.16
N THR B 133 -13.43 25.27 -11.41
CA THR B 133 -14.35 26.16 -10.72
C THR B 133 -15.16 25.41 -9.66
N ARG B 134 -15.61 26.17 -8.66
CA ARG B 134 -16.40 25.57 -7.58
C ARG B 134 -17.75 25.10 -8.10
N GLU B 135 -18.29 25.80 -9.08
CA GLU B 135 -19.61 25.43 -9.60
C GLU B 135 -19.56 24.06 -10.25
N ARG B 136 -18.52 23.78 -11.05
CA ARG B 136 -18.40 22.47 -11.67
C ARG B 136 -18.14 21.39 -10.62
N ARG B 137 -17.31 21.69 -9.62
CA ARG B 137 -17.06 20.68 -8.62
C ARG B 137 -18.32 20.38 -7.82
N ASP B 138 -19.14 21.39 -7.58
CA ASP B 138 -20.40 21.19 -6.85
C ASP B 138 -21.37 20.34 -7.65
N MET B 139 -21.41 20.54 -8.98
CA MET B 139 -22.24 19.71 -9.84
C MET B 139 -21.82 18.25 -9.78
N ILE B 140 -20.52 17.99 -9.81
CA ILE B 140 -20.01 16.63 -9.70
C ILE B 140 -20.38 16.04 -8.33
N LEU B 141 -20.16 16.81 -7.27
CA LEU B 141 -20.48 16.34 -5.91
C LEU B 141 -21.95 16.00 -5.76
N ASN B 142 -22.83 16.78 -6.39
CA ASN B 142 -24.26 16.50 -6.28
C ASN B 142 -24.63 15.24 -7.05
N PHE B 143 -24.04 15.06 -8.24
CA PHE B 143 -24.18 13.79 -8.96
C PHE B 143 -23.74 12.62 -8.09
N ALA B 144 -22.56 12.75 -7.44
CA ALA B 144 -22.07 11.64 -6.64
C ALA B 144 -23.02 11.34 -5.48
N GLU B 145 -23.51 12.38 -4.80
CA GLU B 145 -24.41 12.19 -3.67
C GLU B 145 -25.73 11.53 -4.11
N GLN B 146 -26.32 12.01 -5.20
CA GLN B 146 -27.53 11.40 -5.74
C GLN B 146 -27.35 9.91 -6.01
N ASN B 147 -26.14 9.48 -6.36
CA ASN B 147 -25.89 8.09 -6.71
C ASN B 147 -25.16 7.30 -5.65
N SER B 148 -24.92 7.89 -4.48
CA SER B 148 -24.15 7.26 -3.42
C SER B 148 -22.78 6.76 -3.91
N PHE B 149 -22.09 7.62 -4.65
CA PHE B 149 -20.68 7.40 -4.98
C PHE B 149 -19.86 8.25 -4.03
N LYS B 150 -18.77 7.68 -3.51
CA LYS B 150 -17.76 8.48 -2.82
C LYS B 150 -16.96 9.31 -3.83
N VAL B 151 -16.43 10.46 -3.38
CA VAL B 151 -15.66 11.34 -4.25
C VAL B 151 -14.31 11.65 -3.62
N PHE B 152 -13.24 11.51 -4.41
CA PHE B 152 -11.90 11.87 -4.00
C PHE B 152 -11.28 12.71 -5.11
N PHE B 153 -10.85 13.91 -4.79
CA PHE B 153 -10.26 14.82 -5.77
C PHE B 153 -8.75 14.71 -5.79
N VAL B 154 -8.17 14.77 -6.98
CA VAL B 154 -6.72 14.81 -7.18
C VAL B 154 -6.41 16.11 -7.93
N GLU B 155 -5.90 17.11 -7.21
CA GLU B 155 -5.63 18.40 -7.78
C GLU B 155 -4.15 18.50 -8.06
N SER B 156 -3.79 18.77 -9.32
CA SER B 156 -2.39 18.90 -9.70
C SER B 156 -2.09 20.39 -9.75
N VAL B 157 -1.25 20.86 -8.81
CA VAL B 157 -0.86 22.26 -8.67
C VAL B 157 0.61 22.33 -9.09
N CYS B 158 0.89 23.04 -10.17
CA CYS B 158 2.28 23.25 -10.59
C CYS B 158 2.59 24.73 -10.61
N ASP B 159 3.58 25.13 -9.84
CA ASP B 159 4.04 26.50 -9.84
C ASP B 159 5.54 26.60 -10.09
N ASP B 160 6.24 25.49 -10.18
CA ASP B 160 7.65 25.48 -10.52
C ASP B 160 7.81 25.80 -12.01
N PRO B 161 8.54 26.85 -12.39
CA PRO B 161 8.61 27.22 -13.82
C PRO B 161 9.14 26.13 -14.71
N ASP B 162 10.12 25.36 -14.23
CA ASP B 162 10.68 24.26 -15.01
C ASP B 162 9.66 23.16 -15.24
N VAL B 163 8.89 22.78 -14.21
CA VAL B 163 7.85 21.76 -14.37
C VAL B 163 6.80 22.23 -15.38
N ILE B 164 6.33 23.47 -15.22
CA ILE B 164 5.32 24.01 -16.13
C ILE B 164 5.84 24.02 -17.56
N ALA B 165 7.01 24.62 -17.76
CA ALA B 165 7.54 24.77 -19.12
C ALA B 165 7.68 23.41 -19.79
N ALA B 166 8.17 22.42 -19.05
CA ALA B 166 8.24 21.06 -19.60
C ALA B 166 6.87 20.53 -19.98
N ASN B 167 5.90 20.58 -19.04
CA ASN B 167 4.56 20.06 -19.36
C ASN B 167 3.98 20.74 -20.59
N ILE B 168 4.17 22.06 -20.71
CA ILE B 168 3.58 22.79 -21.84
C ILE B 168 4.20 22.34 -23.15
N LEU B 169 5.52 22.14 -23.15
CA LEU B 169 6.17 21.73 -24.39
C LEU B 169 5.69 20.33 -24.80
N GLU B 170 5.48 19.45 -23.83
CA GLU B 170 4.90 18.14 -24.12
C GLU B 170 3.50 18.23 -24.72
N VAL B 171 2.66 19.11 -24.18
CA VAL B 171 1.37 19.34 -24.85
C VAL B 171 1.61 19.77 -26.29
N LYS B 172 2.48 20.79 -26.46
CA LYS B 172 2.78 21.34 -27.79
C LYS B 172 3.20 20.25 -28.75
N VAL B 173 4.03 19.32 -28.29
CA VAL B 173 4.52 18.30 -29.20
C VAL B 173 3.48 17.24 -29.49
N SER B 174 2.76 16.76 -28.48
CA SER B 174 1.98 15.54 -28.65
C SER B 174 0.49 15.62 -28.35
N SER B 175 -0.03 16.71 -27.78
CA SER B 175 -1.42 16.69 -27.39
C SER B 175 -2.32 16.44 -28.59
N PRO B 176 -3.28 15.52 -28.52
CA PRO B 176 -4.29 15.39 -29.58
C PRO B 176 -5.35 16.46 -29.56
N ASP B 177 -5.22 17.47 -28.70
CA ASP B 177 -6.16 18.59 -28.74
C ASP B 177 -5.78 19.63 -29.80
N TYR B 178 -4.73 19.38 -30.58
CA TYR B 178 -4.37 20.18 -31.73
C TYR B 178 -4.14 19.30 -32.94
N PRO B 179 -4.20 19.85 -34.17
CA PRO B 179 -3.96 19.04 -35.37
C PRO B 179 -2.61 18.34 -35.33
N GLU B 180 -2.59 17.12 -35.89
CA GLU B 180 -1.40 16.29 -35.87
C GLU B 180 -0.21 16.99 -36.53
N ARG B 181 -0.43 17.67 -37.66
CA ARG B 181 0.69 18.26 -38.37
C ARG B 181 0.59 19.78 -38.34
N ASN B 182 1.75 20.41 -38.51
CA ASN B 182 1.82 21.87 -38.63
C ASN B 182 1.44 22.54 -37.32
N ARG B 183 2.20 22.25 -36.26
CA ARG B 183 1.91 22.73 -34.91
C ARG B 183 2.52 24.10 -34.62
N GLU B 184 2.90 24.84 -35.66
CA GLU B 184 3.70 26.04 -35.47
C GLU B 184 2.98 27.12 -34.66
N ASN B 185 1.64 27.16 -34.68
CA ASN B 185 0.89 28.17 -33.92
C ASN B 185 0.32 27.62 -32.61
N VAL B 186 0.64 26.37 -32.28
CA VAL B 186 0.04 25.71 -31.11
C VAL B 186 0.43 26.41 -29.82
N MET B 187 1.73 26.66 -29.63
CA MET B 187 2.22 27.19 -28.36
C MET B 187 1.52 28.51 -28.02
N GLU B 188 1.48 29.43 -28.97
CA GLU B 188 0.86 30.74 -28.73
C GLU B 188 -0.62 30.59 -28.36
N ASP B 189 -1.34 29.73 -29.06
CA ASP B 189 -2.74 29.52 -28.71
C ASP B 189 -2.88 28.85 -27.35
N PHE B 190 -2.06 27.85 -27.08
CA PHE B 190 -2.21 27.10 -25.84
C PHE B 190 -1.89 27.97 -24.63
N LEU B 191 -0.90 28.87 -24.74
CA LEU B 191 -0.61 29.77 -23.63
C LEU B 191 -1.80 30.67 -23.33
N LYS B 192 -2.49 31.16 -24.37
CA LYS B 192 -3.67 31.98 -24.15
C LYS B 192 -4.80 31.16 -23.57
N ARG B 193 -4.92 29.88 -23.96
CA ARG B 193 -5.91 29.01 -23.35
C ARG B 193 -5.67 28.86 -21.86
N ILE B 194 -4.42 28.68 -21.45
CA ILE B 194 -4.12 28.58 -20.02
C ILE B 194 -4.59 29.84 -19.30
N GLU B 195 -4.31 31.03 -19.88
CA GLU B 195 -4.76 32.27 -19.26
C GLU B 195 -6.29 32.30 -19.08
N CYS B 196 -7.04 31.78 -20.05
CA CYS B 196 -8.49 31.71 -19.89
C CYS B 196 -8.87 30.97 -18.62
N TYR B 197 -8.23 29.84 -18.37
CA TYR B 197 -8.56 29.09 -17.17
C TYR B 197 -8.06 29.78 -15.89
N LYS B 198 -6.91 30.48 -15.96
CA LYS B 198 -6.43 31.13 -14.74
C LYS B 198 -7.44 32.13 -14.22
N VAL B 199 -8.26 32.71 -15.11
CA VAL B 199 -9.18 33.77 -14.69
C VAL B 199 -10.14 33.25 -13.63
N THR B 200 -10.67 32.04 -13.79
CA THR B 200 -11.70 31.55 -12.88
C THR B 200 -11.22 30.40 -11.99
N TYR B 201 -9.94 30.07 -12.02
CA TYR B 201 -9.44 28.92 -11.23
C TYR B 201 -9.57 29.21 -9.74
N ARG B 202 -10.34 28.38 -9.03
CA ARG B 202 -10.37 28.37 -7.57
C ARG B 202 -9.74 27.08 -7.07
N PRO B 203 -8.53 27.07 -6.53
CA PRO B 203 -7.96 25.83 -6.00
C PRO B 203 -8.77 25.33 -4.81
N LEU B 204 -8.58 24.04 -4.49
CA LEU B 204 -9.18 23.52 -3.28
C LEU B 204 -8.64 24.29 -2.09
N ASP B 205 -9.53 24.65 -1.18
CA ASP B 205 -9.24 25.45 0.01
C ASP B 205 -9.45 24.56 1.24
N PRO B 206 -8.41 23.88 1.73
CA PRO B 206 -8.60 22.98 2.89
C PRO B 206 -8.97 23.69 4.17
N ASP B 207 -8.66 24.99 4.29
CA ASP B 207 -8.92 25.69 5.54
C ASP B 207 -10.36 26.12 5.68
N ASN B 208 -11.07 26.36 4.58
CA ASN B 208 -12.45 26.78 4.73
C ASN B 208 -13.37 26.12 3.71
N TYR B 209 -13.40 26.60 2.45
CA TYR B 209 -14.48 26.18 1.58
C TYR B 209 -14.49 24.66 1.39
N ASP B 210 -13.31 24.02 1.31
CA ASP B 210 -13.26 22.60 1.00
C ASP B 210 -12.73 21.77 2.17
N LYS B 211 -12.86 22.28 3.40
CA LYS B 211 -12.31 21.55 4.54
C LYS B 211 -12.96 20.20 4.75
N ASP B 212 -14.18 19.99 4.29
CA ASP B 212 -14.81 18.69 4.46
C ASP B 212 -14.67 17.78 3.25
N LEU B 213 -14.01 18.21 2.19
CA LEU B 213 -13.83 17.35 1.05
C LEU B 213 -12.62 16.45 1.22
N SER B 214 -12.66 15.31 0.56
CA SER B 214 -11.57 14.35 0.55
C SER B 214 -10.73 14.57 -0.69
N PHE B 215 -9.45 14.85 -0.50
CA PHE B 215 -8.63 15.18 -1.66
C PHE B 215 -7.15 15.07 -1.34
N ILE B 216 -6.35 15.08 -2.43
CA ILE B 216 -4.92 15.28 -2.38
C ILE B 216 -4.54 16.37 -3.38
N LYS B 217 -3.76 17.35 -2.94
CA LYS B 217 -3.08 18.27 -3.85
C LYS B 217 -1.70 17.69 -4.13
N VAL B 218 -1.45 17.37 -5.40
CA VAL B 218 -0.16 16.95 -5.89
C VAL B 218 0.56 18.20 -6.36
N ILE B 219 1.62 18.59 -5.67
CA ILE B 219 2.30 19.85 -5.92
C ILE B 219 3.59 19.58 -6.71
N ASN B 220 3.74 20.24 -7.84
CA ASN B 220 4.91 20.09 -8.72
C ASN B 220 5.22 18.63 -9.03
N VAL B 221 4.19 17.94 -9.57
CA VAL B 221 4.17 16.52 -9.93
C VAL B 221 4.94 15.67 -8.93
N GLY B 222 4.71 15.91 -7.65
CA GLY B 222 5.11 14.98 -6.60
C GLY B 222 6.23 15.44 -5.70
N GLN B 223 6.64 16.70 -5.78
CA GLN B 223 7.60 17.22 -4.82
C GLN B 223 7.01 17.20 -3.42
N ARG B 224 5.72 17.50 -3.32
CA ARG B 224 5.07 17.48 -2.04
C ARG B 224 3.56 17.38 -2.24
N PHE B 225 2.85 17.13 -1.16
CA PHE B 225 1.45 16.78 -1.21
C PHE B 225 0.71 17.36 -0.01
N LEU B 226 -0.54 17.75 -0.24
CA LEU B 226 -1.47 18.10 0.84
C LEU B 226 -2.66 17.17 0.72
N VAL B 227 -2.90 16.40 1.77
CA VAL B 227 -3.93 15.37 1.79
C VAL B 227 -4.96 15.74 2.85
N ASN B 228 -6.24 15.70 2.49
CA ASN B 228 -7.31 16.08 3.39
C ASN B 228 -8.39 15.01 3.43
N ARG B 229 -8.72 14.55 4.63
CA ARG B 229 -9.86 13.68 4.92
C ARG B 229 -9.88 12.42 4.05
N VAL B 230 -8.83 11.61 4.16
CA VAL B 230 -8.85 10.28 3.57
C VAL B 230 -9.92 9.45 4.28
N GLN B 231 -10.87 8.93 3.52
CA GLN B 231 -12.01 8.32 4.22
C GLN B 231 -11.94 6.80 4.32
N ASP B 232 -11.05 6.12 3.58
CA ASP B 232 -11.11 4.68 3.51
C ASP B 232 -9.81 4.13 2.96
N TYR B 233 -9.74 2.80 2.93
CA TYR B 233 -8.58 2.09 2.45
C TYR B 233 -8.23 2.47 1.02
N ILE B 234 -9.22 2.56 0.14
CA ILE B 234 -8.83 2.72 -1.26
C ILE B 234 -8.29 4.12 -1.51
N GLN B 235 -8.80 5.12 -0.79
CA GLN B 235 -8.22 6.45 -0.86
C GLN B 235 -6.78 6.46 -0.35
N SER B 236 -6.48 5.69 0.71
CA SER B 236 -5.09 5.60 1.14
C SER B 236 -4.21 4.94 0.09
N LYS B 237 -4.75 3.98 -0.66
CA LYS B 237 -3.99 3.34 -1.76
C LYS B 237 -3.75 4.31 -2.92
N ILE B 238 -4.76 5.13 -3.25
CA ILE B 238 -4.57 6.18 -4.26
C ILE B 238 -3.44 7.11 -3.84
N VAL B 239 -3.46 7.57 -2.58
CA VAL B 239 -2.38 8.41 -2.11
C VAL B 239 -1.05 7.67 -2.20
N TYR B 240 -1.03 6.42 -1.74
CA TYR B 240 0.18 5.61 -1.83
C TYR B 240 0.74 5.60 -3.24
N TYR B 241 -0.12 5.31 -4.22
CA TYR B 241 0.35 5.24 -5.59
C TYR B 241 0.95 6.58 -6.04
N LEU B 242 0.27 7.68 -5.72
CA LEU B 242 0.73 8.99 -6.14
C LEU B 242 2.03 9.41 -5.49
N MET B 243 2.40 8.80 -4.36
CA MET B 243 3.70 9.04 -3.74
C MET B 243 4.83 8.38 -4.52
N ASN B 244 4.51 7.45 -5.42
CA ASN B 244 5.50 6.75 -6.24
C ASN B 244 5.50 7.14 -7.71
N ILE B 245 4.49 7.88 -8.19
CA ILE B 245 4.39 8.17 -9.60
C ILE B 245 5.46 9.17 -9.98
N HIS B 246 5.87 9.14 -11.24
CA HIS B 246 6.79 10.12 -11.82
C HIS B 246 6.23 10.56 -13.17
N VAL B 247 6.00 11.87 -13.32
CA VAL B 247 5.25 12.37 -14.48
C VAL B 247 6.19 12.73 -15.63
N GLN B 248 7.34 13.32 -15.37
CA GLN B 248 8.20 13.73 -16.48
C GLN B 248 8.67 12.52 -17.27
N PRO B 249 8.84 12.67 -18.59
CA PRO B 249 9.32 11.53 -19.41
C PRO B 249 10.56 10.87 -18.84
N ARG B 250 10.56 9.54 -18.87
CA ARG B 250 11.66 8.73 -18.37
C ARG B 250 11.75 7.48 -19.24
N THR B 251 12.91 6.83 -19.21
CA THR B 251 13.16 5.63 -19.96
C THR B 251 13.70 4.51 -19.06
N ILE B 252 13.12 3.33 -19.17
CA ILE B 252 13.63 2.16 -18.45
C ILE B 252 13.90 1.08 -19.48
N TYR B 253 14.86 0.22 -19.13
CA TYR B 253 15.32 -0.85 -20.01
C TYR B 253 15.07 -2.17 -19.33
N LEU B 254 14.52 -3.14 -20.09
CA LEU B 254 14.28 -4.48 -19.59
C LEU B 254 14.95 -5.49 -20.50
N CYS B 255 15.64 -6.46 -19.91
CA CYS B 255 16.09 -7.59 -20.69
C CYS B 255 16.24 -8.78 -19.75
N ARG B 256 16.39 -9.95 -20.33
CA ARG B 256 16.71 -11.14 -19.54
C ARG B 256 18.20 -11.28 -19.32
N NEP B 257 18.57 -12.10 -18.35
CA NEP B 257 19.93 -12.63 -18.31
C NEP B 257 20.34 -13.14 -19.69
O NEP B 257 19.54 -13.57 -20.53
CB NEP B 257 20.02 -13.83 -17.38
CG NEP B 257 19.08 -14.90 -17.75
ND1 NEP B 257 19.42 -15.89 -18.68
CD2 NEP B 257 17.76 -15.17 -17.31
CE1 NEP B 257 18.36 -16.68 -18.77
NE2 NEP B 257 17.29 -16.31 -17.99
P NEP B 257 15.84 -17.08 -17.86
O1P NEP B 257 15.50 -17.19 -16.31
O2P NEP B 257 14.74 -16.14 -18.36
O3P NEP B 257 15.79 -18.42 -18.37
HA NEP B 257 20.65 -11.81 -17.97
HB2 NEP B 257 19.82 -13.52 -16.32
HB3 NEP B 257 21.07 -14.24 -17.43
HD2 NEP B 257 17.11 -14.65 -16.59
HE1 NEP B 257 18.31 -17.55 -19.44
N GLY B 258 21.63 -13.07 -19.97
CA GLY B 258 22.15 -13.73 -21.16
C GLY B 258 21.82 -15.21 -21.11
N GLU B 259 21.77 -15.85 -22.27
CA GLU B 259 21.48 -17.29 -22.37
C GLU B 259 22.25 -18.08 -21.32
N SER B 260 21.53 -18.97 -20.63
CA SER B 260 22.11 -19.82 -19.60
C SER B 260 22.36 -21.23 -20.14
N GLU B 261 23.15 -22.00 -19.39
CA GLU B 261 23.31 -23.40 -19.72
C GLU B 261 22.00 -24.15 -19.69
N PHE B 262 21.14 -23.88 -18.71
CA PHE B 262 19.87 -24.56 -18.71
C PHE B 262 19.00 -24.15 -19.89
N ASN B 263 19.07 -22.88 -20.35
CA ASN B 263 18.35 -22.55 -21.57
C ASN B 263 18.77 -23.47 -22.72
N LEU B 264 20.08 -23.69 -22.91
CA LEU B 264 20.56 -24.59 -23.97
C LEU B 264 20.01 -25.99 -23.77
N LEU B 265 19.79 -26.42 -22.53
CA LEU B 265 19.27 -27.76 -22.26
C LEU B 265 17.74 -27.83 -22.24
N GLY B 266 17.03 -26.70 -22.38
CA GLY B 266 15.59 -26.72 -22.28
C GLY B 266 15.06 -26.91 -20.88
N LYS B 267 15.89 -26.70 -19.86
CA LYS B 267 15.49 -26.92 -18.48
C LYS B 267 14.97 -25.63 -17.85
N ILE B 268 13.84 -25.74 -17.14
CA ILE B 268 13.26 -24.55 -16.52
C ILE B 268 13.84 -24.38 -15.12
N GLY B 269 13.78 -23.16 -14.62
CA GLY B 269 14.17 -22.89 -13.27
C GLY B 269 15.67 -23.08 -13.08
N GLY B 270 16.03 -23.44 -11.86
CA GLY B 270 17.40 -23.68 -11.49
C GLY B 270 18.21 -22.40 -11.29
N ASP B 271 19.51 -22.62 -11.11
CA ASP B 271 20.45 -21.54 -10.89
C ASP B 271 21.70 -21.78 -11.74
N SER B 272 21.54 -22.05 -13.04
CA SER B 272 22.70 -22.25 -13.91
C SER B 272 23.34 -20.91 -14.31
N GLY B 273 24.61 -20.99 -14.67
CA GLY B 273 25.35 -19.84 -15.14
C GLY B 273 25.14 -19.59 -16.63
N LEU B 274 25.76 -18.51 -17.11
CA LEU B 274 25.66 -18.12 -18.49
C LEU B 274 26.32 -19.16 -19.38
N SER B 275 25.69 -19.45 -20.52
CA SER B 275 26.42 -20.05 -21.62
C SER B 275 27.46 -19.07 -22.15
N VAL B 276 28.35 -19.55 -23.01
CA VAL B 276 29.32 -18.63 -23.61
C VAL B 276 28.60 -17.59 -24.45
N ARG B 277 27.44 -17.93 -25.03
CA ARG B 277 26.71 -16.91 -25.78
C ARG B 277 26.06 -15.90 -24.84
N GLY B 278 25.58 -16.33 -23.69
CA GLY B 278 25.05 -15.38 -22.71
C GLY B 278 26.10 -14.40 -22.24
N LYS B 279 27.35 -14.89 -22.07
CA LYS B 279 28.45 -13.99 -21.72
C LYS B 279 28.78 -13.03 -22.86
N GLN B 280 28.77 -13.52 -24.09
CA GLN B 280 28.96 -12.66 -25.25
C GLN B 280 27.86 -11.60 -25.33
N PHE B 281 26.62 -11.99 -25.02
CA PHE B 281 25.53 -11.00 -24.96
C PHE B 281 25.80 -9.94 -23.91
N ALA B 282 26.25 -10.37 -22.72
CA ALA B 282 26.56 -9.42 -21.64
C ALA B 282 27.63 -8.41 -22.09
N GLN B 283 28.63 -8.88 -22.82
CA GLN B 283 29.62 -7.95 -23.38
C GLN B 283 28.98 -7.02 -24.40
N ALA B 284 28.11 -7.54 -25.26
CA ALA B 284 27.42 -6.68 -26.22
C ALA B 284 26.52 -5.68 -25.51
N LEU B 285 25.91 -6.10 -24.41
CA LEU B 285 25.05 -5.21 -23.64
C LEU B 285 25.82 -4.03 -23.09
N ARG B 286 27.04 -4.26 -22.58
CA ARG B 286 27.85 -3.14 -22.13
C ARG B 286 28.08 -2.15 -23.26
N LYS B 287 28.47 -2.64 -24.43
CA LYS B 287 28.71 -1.73 -25.54
C LYS B 287 27.45 -0.97 -25.90
N PHE B 288 26.29 -1.66 -25.87
CA PHE B 288 25.02 -0.98 -26.17
C PHE B 288 24.73 0.14 -25.15
N LEU B 289 24.99 -0.11 -23.87
CA LEU B 289 24.66 0.88 -22.85
C LEU B 289 25.57 2.09 -22.99
N GLU B 290 26.85 1.88 -23.24
CA GLU B 290 27.75 2.98 -23.51
C GLU B 290 27.21 3.86 -24.63
N GLU B 291 26.78 3.24 -25.73
CA GLU B 291 26.28 3.99 -26.87
C GLU B 291 25.01 4.77 -26.52
N GLN B 292 24.24 4.30 -25.56
CA GLN B 292 23.01 5.00 -25.20
C GLN B 292 23.28 6.28 -24.43
N GLU B 293 24.51 6.46 -23.92
CA GLU B 293 24.91 7.64 -23.17
C GLU B 293 23.88 7.98 -22.09
N ILE B 294 23.75 7.06 -21.14
CA ILE B 294 22.72 7.13 -20.11
C ILE B 294 23.29 7.83 -18.87
N THR B 295 22.57 8.85 -18.42
CA THR B 295 22.89 9.50 -17.16
C THR B 295 22.39 8.70 -15.96
N ASP B 296 23.28 8.47 -14.99
CA ASP B 296 22.92 7.90 -13.69
C ASP B 296 22.24 6.53 -13.85
N LEU B 297 22.80 5.69 -14.69
CA LEU B 297 22.21 4.37 -14.95
C LEU B 297 22.19 3.54 -13.69
N LYS B 298 21.05 2.95 -13.40
CA LYS B 298 20.99 1.93 -12.37
C LYS B 298 20.73 0.60 -13.02
N VAL B 299 21.35 -0.43 -12.46
CA VAL B 299 21.24 -1.78 -12.97
C VAL B 299 20.77 -2.64 -11.83
N TRP B 300 19.63 -3.30 -12.03
CA TRP B 300 19.02 -4.17 -11.05
C TRP B 300 18.95 -5.60 -11.60
N THR B 301 19.33 -6.55 -10.76
CA THR B 301 19.31 -7.97 -11.12
C THR B 301 18.53 -8.73 -10.08
N SER B 302 18.34 -10.02 -10.32
CA SER B 302 17.88 -10.92 -9.27
C SER B 302 19.08 -11.44 -8.49
N GLN B 303 18.83 -12.42 -7.62
CA GLN B 303 19.91 -13.06 -6.91
C GLN B 303 20.41 -14.31 -7.57
N LEU B 304 19.88 -14.65 -8.74
CA LEU B 304 20.31 -15.84 -9.43
C LEU B 304 21.55 -15.53 -10.30
N LYS B 305 22.47 -16.50 -10.35
CA LYS B 305 23.80 -16.38 -10.99
C LYS B 305 23.70 -15.78 -12.39
N ARG B 306 22.71 -16.22 -13.17
CA ARG B 306 22.69 -15.82 -14.56
C ARG B 306 22.46 -14.33 -14.73
N THR B 307 21.65 -13.69 -13.87
CA THR B 307 21.46 -12.24 -14.00
C THR B 307 22.66 -11.48 -13.45
N ILE B 308 23.18 -11.95 -12.32
CA ILE B 308 24.40 -11.36 -11.73
C ILE B 308 25.56 -11.37 -12.75
N GLN B 309 25.81 -12.52 -13.36
CA GLN B 309 26.93 -12.60 -14.31
C GLN B 309 26.70 -11.68 -15.49
N THR B 310 25.44 -11.46 -15.87
CA THR B 310 25.16 -10.55 -16.98
C THR B 310 25.53 -9.13 -16.59
N ALA B 311 25.13 -8.72 -15.38
CA ALA B 311 25.43 -7.37 -14.89
C ALA B 311 26.92 -7.17 -14.66
N GLU B 312 27.63 -8.21 -14.22
CA GLU B 312 29.05 -8.11 -13.91
C GLU B 312 29.88 -7.75 -15.13
N SER B 313 29.43 -8.08 -16.36
CA SER B 313 30.16 -7.66 -17.53
C SER B 313 29.97 -6.19 -17.85
N LEU B 314 29.13 -5.45 -17.12
CA LEU B 314 28.81 -4.10 -17.55
C LEU B 314 29.78 -3.04 -17.03
N GLY B 315 30.57 -3.36 -16.01
CA GLY B 315 31.51 -2.39 -15.46
C GLY B 315 30.89 -1.27 -14.65
N VAL B 316 29.71 -1.47 -14.11
CA VAL B 316 29.03 -0.43 -13.33
C VAL B 316 28.42 -1.05 -12.10
N PRO B 317 28.15 -0.25 -11.08
CA PRO B 317 27.50 -0.79 -9.88
C PRO B 317 26.13 -1.36 -10.24
N TYR B 318 25.73 -2.43 -9.55
CA TYR B 318 24.43 -3.06 -9.79
C TYR B 318 23.90 -3.50 -8.43
N GLU B 319 22.58 -3.68 -8.35
CA GLU B 319 21.92 -4.09 -7.11
C GLU B 319 21.12 -5.35 -7.37
N GLN B 320 21.25 -6.33 -6.46
CA GLN B 320 20.47 -7.54 -6.49
C GLN B 320 19.16 -7.38 -5.75
N TRP B 321 18.09 -7.92 -6.31
CA TRP B 321 16.79 -8.00 -5.65
C TRP B 321 16.34 -9.44 -5.61
N LYS B 322 16.11 -9.97 -4.41
CA LYS B 322 15.48 -11.29 -4.27
C LYS B 322 14.13 -11.36 -4.99
N ILE B 323 13.35 -10.29 -4.96
CA ILE B 323 12.00 -10.37 -5.53
C ILE B 323 12.01 -10.39 -7.05
N LEU B 324 13.18 -10.19 -7.69
CA LEU B 324 13.29 -10.37 -9.13
C LEU B 324 13.68 -11.80 -9.53
N ASN B 325 13.88 -12.70 -8.57
CA ASN B 325 14.17 -14.10 -8.88
C ASN B 325 13.05 -14.67 -9.73
N GLU B 326 13.43 -15.61 -10.62
CA GLU B 326 12.47 -16.20 -11.55
C GLU B 326 11.37 -16.95 -10.79
N ILE B 327 10.23 -17.09 -11.46
CA ILE B 327 9.12 -17.87 -10.92
C ILE B 327 9.62 -19.23 -10.44
N ASP B 328 9.12 -19.64 -9.30
CA ASP B 328 9.53 -20.91 -8.67
C ASP B 328 8.64 -22.03 -9.18
N ALA B 329 9.23 -23.03 -9.85
CA ALA B 329 8.47 -24.14 -10.42
C ALA B 329 8.33 -25.33 -9.45
N GLY B 330 8.72 -25.17 -8.21
CA GLY B 330 8.42 -26.19 -7.21
C GLY B 330 9.06 -27.51 -7.58
N VAL B 331 8.26 -28.57 -7.57
CA VAL B 331 8.76 -29.90 -7.90
C VAL B 331 9.13 -30.03 -9.38
N CYS B 332 8.80 -29.05 -10.21
CA CYS B 332 9.23 -29.12 -11.61
C CYS B 332 10.53 -28.37 -11.89
N GLU B 333 11.16 -27.80 -10.87
CA GLU B 333 12.43 -27.10 -11.07
C GLU B 333 13.44 -28.00 -11.75
N GLU B 334 14.12 -27.45 -12.75
CA GLU B 334 15.23 -28.07 -13.46
C GLU B 334 14.79 -29.15 -14.44
N MET B 335 13.50 -29.29 -14.69
CA MET B 335 13.00 -30.23 -15.68
C MET B 335 12.72 -29.51 -16.99
N THR B 336 12.68 -30.29 -18.08
CA THR B 336 12.23 -29.78 -19.36
C THR B 336 10.71 -29.91 -19.45
N TYR B 337 10.10 -29.17 -20.38
CA TYR B 337 8.64 -29.30 -20.51
C TYR B 337 8.26 -30.73 -20.89
N ALA B 338 9.04 -31.37 -21.76
CA ALA B 338 8.75 -32.76 -22.13
C ALA B 338 8.77 -33.67 -20.92
N GLU B 339 9.77 -33.50 -20.04
CA GLU B 339 9.83 -34.30 -18.81
C GLU B 339 8.64 -34.01 -17.90
N ILE B 340 8.22 -32.74 -17.81
CA ILE B 340 7.10 -32.41 -16.95
C ILE B 340 5.83 -33.07 -17.45
N GLU B 341 5.61 -32.98 -18.77
CA GLU B 341 4.43 -33.57 -19.38
C GLU B 341 4.41 -35.08 -19.17
N LYS B 342 5.57 -35.73 -19.28
CA LYS B 342 5.66 -37.17 -19.04
C LYS B 342 5.39 -37.52 -17.58
N ARG B 343 6.07 -36.86 -16.65
CA ARG B 343 5.99 -37.19 -15.24
C ARG B 343 4.70 -36.69 -14.59
N TYR B 344 4.16 -35.54 -15.03
CA TYR B 344 2.99 -34.91 -14.39
C TYR B 344 1.99 -34.47 -15.45
N PRO B 345 1.45 -35.40 -16.26
CA PRO B 345 0.65 -34.97 -17.42
C PRO B 345 -0.56 -34.15 -17.05
N GLU B 346 -1.21 -34.48 -15.93
CA GLU B 346 -2.41 -33.74 -15.51
C GLU B 346 -2.06 -32.31 -15.12
N GLU B 347 -1.02 -32.13 -14.31
CA GLU B 347 -0.56 -30.79 -13.96
C GLU B 347 -0.15 -30.00 -15.20
N PHE B 348 0.56 -30.65 -16.12
CA PHE B 348 0.99 -29.96 -17.34
C PHE B 348 -0.22 -29.45 -18.12
N ALA B 349 -1.28 -30.27 -18.22
CA ALA B 349 -2.48 -29.85 -18.94
C ALA B 349 -3.23 -28.76 -18.19
N LEU B 350 -3.32 -28.84 -16.86
CA LEU B 350 -3.95 -27.76 -16.09
C LEU B 350 -3.22 -26.44 -16.30
N ARG B 351 -1.89 -26.46 -16.30
CA ARG B 351 -1.16 -25.20 -16.44
C ARG B 351 -1.44 -24.58 -17.79
N ASP B 352 -1.56 -25.41 -18.84
CA ASP B 352 -1.93 -24.88 -20.15
C ASP B 352 -3.34 -24.29 -20.14
N GLN B 353 -4.26 -24.87 -19.36
CA GLN B 353 -5.62 -24.32 -19.36
C GLN B 353 -5.66 -22.98 -18.65
N GLU B 354 -4.90 -22.81 -17.56
CA GLU B 354 -5.03 -21.64 -16.69
C GLU B 354 -3.63 -21.13 -16.30
N LYS B 355 -2.86 -20.62 -17.28
CA LYS B 355 -1.44 -20.39 -17.01
C LYS B 355 -1.21 -19.27 -15.99
N TYR B 356 -2.09 -18.27 -15.94
CA TYR B 356 -1.89 -17.18 -14.98
C TYR B 356 -2.06 -17.64 -13.53
N LEU B 357 -3.14 -18.37 -13.25
CA LEU B 357 -3.48 -18.75 -11.87
C LEU B 357 -2.86 -20.06 -11.43
N TYR B 358 -2.49 -20.93 -12.36
CA TYR B 358 -1.92 -22.21 -11.99
C TYR B 358 -0.73 -22.03 -11.07
N ARG B 359 -0.67 -22.86 -10.04
CA ARG B 359 0.42 -22.81 -9.10
C ARG B 359 1.16 -24.14 -9.20
N TYR B 360 2.45 -24.07 -9.47
CA TYR B 360 3.25 -25.28 -9.44
C TYR B 360 3.20 -25.92 -8.05
N PRO B 361 3.10 -27.25 -7.95
CA PRO B 361 3.16 -27.88 -6.61
C PRO B 361 4.48 -27.53 -5.95
N GLY B 362 4.39 -26.90 -4.78
CA GLY B 362 5.56 -26.44 -4.09
C GLY B 362 6.17 -25.17 -4.66
N GLY B 363 5.52 -24.55 -5.62
CA GLY B 363 6.10 -23.37 -6.24
C GLY B 363 5.08 -22.26 -6.33
N GLU B 364 5.18 -21.51 -7.42
CA GLU B 364 4.46 -20.27 -7.58
C GLU B 364 3.57 -20.29 -8.81
N SER B 365 2.60 -19.37 -8.80
CA SER B 365 1.84 -18.97 -9.97
C SER B 365 2.31 -17.60 -10.42
N TYR B 366 1.91 -17.22 -11.63
CA TYR B 366 2.18 -15.87 -12.07
C TYR B 366 1.53 -14.85 -11.14
N GLN B 367 0.39 -15.18 -10.56
CA GLN B 367 -0.22 -14.25 -9.62
C GLN B 367 0.64 -14.02 -8.40
N ASP B 368 1.26 -15.09 -7.84
CA ASP B 368 2.23 -14.94 -6.77
C ASP B 368 3.37 -14.02 -7.21
N LEU B 369 3.82 -14.21 -8.44
CA LEU B 369 4.96 -13.44 -8.94
C LEU B 369 4.59 -11.96 -9.03
N VAL B 370 3.41 -11.66 -9.59
CA VAL B 370 2.92 -10.27 -9.64
C VAL B 370 2.94 -9.65 -8.25
N GLN B 371 2.41 -10.36 -7.25
CA GLN B 371 2.31 -9.78 -5.91
C GLN B 371 3.69 -9.47 -5.32
N ARG B 372 4.67 -10.36 -5.50
CA ARG B 372 5.94 -10.04 -4.88
C ARG B 372 6.73 -9.00 -5.67
N LEU B 373 6.37 -8.74 -6.92
CA LEU B 373 7.05 -7.71 -7.69
C LEU B 373 6.59 -6.30 -7.37
N GLU B 374 5.54 -6.12 -6.56
CA GLU B 374 5.07 -4.76 -6.39
C GLU B 374 6.13 -3.76 -5.93
N PRO B 375 7.05 -4.05 -5.00
CA PRO B 375 7.98 -2.98 -4.62
C PRO B 375 8.90 -2.55 -5.76
N VAL B 376 9.30 -3.46 -6.63
CA VAL B 376 10.14 -3.05 -7.74
C VAL B 376 9.32 -2.31 -8.81
N ILE B 377 8.06 -2.70 -9.03
CA ILE B 377 7.19 -1.93 -9.92
C ILE B 377 7.03 -0.51 -9.42
N MET B 378 6.84 -0.32 -8.11
CA MET B 378 6.73 1.05 -7.61
C MET B 378 8.01 1.83 -7.81
N GLU B 379 9.17 1.18 -7.64
CA GLU B 379 10.42 1.91 -7.84
C GLU B 379 10.65 2.20 -9.32
N LEU B 380 10.13 1.37 -10.22
CA LEU B 380 10.21 1.66 -11.66
C LEU B 380 9.20 2.72 -12.10
N GLU B 381 8.09 2.88 -11.36
CA GLU B 381 7.21 4.01 -11.60
C GLU B 381 7.91 5.31 -11.23
N ARG B 382 8.71 5.27 -10.18
CA ARG B 382 9.30 6.50 -9.68
C ARG B 382 10.50 6.97 -10.51
N GLN B 383 11.30 6.01 -10.99
CA GLN B 383 12.64 6.29 -11.50
C GLN B 383 12.75 6.06 -13.00
N GLY B 384 13.70 6.79 -13.59
CA GLY B 384 14.18 6.48 -14.91
C GLY B 384 15.64 6.11 -14.94
N ASN B 385 16.09 5.76 -16.14
CA ASN B 385 17.44 5.32 -16.37
C ASN B 385 17.76 4.10 -15.49
N VAL B 386 16.87 3.10 -15.55
CA VAL B 386 17.02 1.83 -14.87
C VAL B 386 17.06 0.74 -15.93
N LEU B 387 18.00 -0.15 -15.79
CA LEU B 387 18.03 -1.40 -16.54
C LEU B 387 17.74 -2.52 -15.56
N VAL B 388 16.70 -3.30 -15.83
CA VAL B 388 16.36 -4.47 -15.06
C VAL B 388 16.74 -5.71 -15.88
N ILE B 389 17.65 -6.50 -15.34
CA ILE B 389 18.09 -7.75 -15.92
C ILE B 389 17.42 -8.86 -15.12
N SER B 390 16.44 -9.52 -15.72
CA SER B 390 15.70 -10.53 -14.98
C SER B 390 15.52 -11.80 -15.80
N HIS B 391 14.28 -12.30 -15.93
CA HIS B 391 13.96 -13.66 -16.35
C HIS B 391 12.66 -13.64 -17.17
N GLN B 392 12.38 -14.73 -17.88
CA GLN B 392 11.23 -14.74 -18.76
C GLN B 392 9.91 -14.39 -18.03
N ALA B 393 9.58 -15.13 -16.96
CA ALA B 393 8.28 -14.87 -16.32
C ALA B 393 8.25 -13.53 -15.60
N VAL B 394 9.35 -13.19 -14.90
CA VAL B 394 9.43 -11.90 -14.24
C VAL B 394 9.22 -10.79 -15.25
N MET B 395 9.95 -10.85 -16.37
CA MET B 395 9.89 -9.77 -17.33
C MET B 395 8.53 -9.68 -17.99
N ARG B 396 7.85 -10.81 -18.18
CA ARG B 396 6.46 -10.77 -18.62
C ARG B 396 5.60 -9.94 -17.68
N CYS B 397 5.78 -10.10 -16.37
CA CYS B 397 4.99 -9.33 -15.42
C CYS B 397 5.30 -7.85 -15.55
N LEU B 398 6.58 -7.51 -15.70
CA LEU B 398 6.95 -6.10 -15.76
C LEU B 398 6.43 -5.47 -17.05
N LEU B 399 6.55 -6.19 -18.16
CA LEU B 399 5.96 -5.70 -19.41
C LEU B 399 4.46 -5.57 -19.30
N ALA B 400 3.79 -6.56 -18.70
CA ALA B 400 2.34 -6.46 -18.57
C ALA B 400 1.96 -5.21 -17.79
N TYR B 401 2.75 -4.85 -16.77
CA TYR B 401 2.41 -3.66 -16.01
C TYR B 401 2.61 -2.38 -16.84
N PHE B 402 3.80 -2.20 -17.41
CA PHE B 402 4.09 -0.91 -18.07
C PHE B 402 3.45 -0.79 -19.46
N LEU B 403 3.07 -1.90 -20.08
CA LEU B 403 2.38 -1.88 -21.37
C LEU B 403 0.88 -2.13 -21.23
N ASP B 404 0.37 -2.22 -20.01
CA ASP B 404 -1.06 -2.34 -19.76
C ASP B 404 -1.66 -3.58 -20.43
N LYS B 405 -1.10 -4.75 -20.13
CA LYS B 405 -1.64 -6.01 -20.62
C LYS B 405 -2.38 -6.73 -19.50
N GLY B 406 -3.44 -7.45 -19.88
CA GLY B 406 -4.23 -8.15 -18.91
C GLY B 406 -3.63 -9.48 -18.52
N ALA B 407 -4.19 -10.05 -17.44
CA ALA B 407 -3.68 -11.30 -16.87
C ALA B 407 -3.75 -12.48 -17.84
N ASP B 408 -4.73 -12.48 -18.74
CA ASP B 408 -4.84 -13.51 -19.77
C ASP B 408 -3.62 -13.52 -20.68
N GLU B 409 -3.16 -12.35 -21.09
CA GLU B 409 -2.05 -12.26 -22.01
C GLU B 409 -0.68 -12.27 -21.31
N LEU B 410 -0.63 -11.88 -20.04
CA LEU B 410 0.64 -11.68 -19.34
C LEU B 410 1.55 -12.90 -19.46
N PRO B 411 1.08 -14.13 -19.23
CA PRO B 411 2.01 -15.28 -19.24
C PRO B 411 2.49 -15.69 -20.60
N TYR B 412 2.01 -15.04 -21.65
CA TYR B 412 2.37 -15.38 -23.01
C TYR B 412 3.05 -14.25 -23.73
N LEU B 413 3.40 -13.16 -23.03
CA LEU B 413 4.14 -12.09 -23.67
C LEU B 413 5.52 -12.58 -24.11
N ARG B 414 5.98 -12.10 -25.25
CA ARG B 414 7.20 -12.63 -25.83
C ARG B 414 8.37 -11.75 -25.40
N CYS B 415 9.36 -12.33 -24.75
CA CYS B 415 10.57 -11.58 -24.39
C CYS B 415 11.79 -12.46 -24.68
N PRO B 416 12.27 -12.40 -25.89
CA PRO B 416 13.40 -13.24 -26.31
C PRO B 416 14.67 -12.94 -25.53
N LEU B 417 15.48 -13.98 -25.35
CA LEU B 417 16.87 -13.80 -24.93
C LEU B 417 17.58 -12.85 -25.86
N HIS B 418 18.45 -12.02 -25.28
CA HIS B 418 19.40 -11.17 -25.98
C HIS B 418 18.73 -10.00 -26.70
N THR B 419 17.51 -9.68 -26.30
CA THR B 419 16.77 -8.55 -26.82
C THR B 419 16.46 -7.59 -25.69
N ILE B 420 16.75 -6.32 -25.91
CA ILE B 420 16.48 -5.25 -24.96
C ILE B 420 15.18 -4.53 -25.30
N PHE B 421 14.31 -4.36 -24.30
CA PHE B 421 13.10 -3.57 -24.45
C PHE B 421 13.37 -2.22 -23.84
N LYS B 422 13.29 -1.18 -24.65
CA LYS B 422 13.49 0.20 -24.19
C LYS B 422 12.12 0.84 -24.11
N LEU B 423 11.71 1.26 -22.91
CA LEU B 423 10.35 1.70 -22.62
C LEU B 423 10.35 3.15 -22.19
N THR B 424 9.50 3.94 -22.84
CA THR B 424 9.27 5.33 -22.47
C THR B 424 7.77 5.50 -22.26
N PRO B 425 7.31 5.40 -21.00
CA PRO B 425 5.87 5.58 -20.74
C PRO B 425 5.38 6.97 -21.14
N VAL B 426 4.18 7.02 -21.71
CA VAL B 426 3.47 8.26 -22.04
C VAL B 426 2.06 8.14 -21.48
N ALA B 427 1.29 9.24 -21.56
CA ALA B 427 -0.05 9.25 -20.96
C ALA B 427 -0.93 8.13 -21.55
N TYR B 428 -0.89 7.89 -22.85
CA TYR B 428 -1.71 6.81 -23.41
C TYR B 428 -0.85 5.66 -23.88
N GLY B 429 -0.14 5.05 -22.94
CA GLY B 429 0.60 3.83 -23.21
C GLY B 429 2.08 4.01 -22.94
N CYS B 430 2.88 3.44 -23.81
CA CYS B 430 4.30 3.32 -23.59
C CYS B 430 4.94 3.19 -24.96
N LYS B 431 5.92 4.05 -25.26
CA LYS B 431 6.75 3.79 -26.44
C LYS B 431 7.62 2.59 -26.14
N VAL B 432 7.70 1.66 -27.09
CA VAL B 432 8.48 0.45 -26.94
C VAL B 432 9.43 0.35 -28.13
N GLU B 433 10.72 0.27 -27.85
CA GLU B 433 11.69 -0.05 -28.88
C GLU B 433 12.32 -1.37 -28.46
N THR B 434 12.40 -2.32 -29.39
CA THR B 434 13.12 -3.55 -29.12
C THR B 434 14.43 -3.55 -29.91
N ILE B 435 15.52 -3.90 -29.23
CA ILE B 435 16.86 -3.90 -29.81
C ILE B 435 17.43 -5.30 -29.62
N LYS B 436 17.52 -6.04 -30.72
CA LYS B 436 18.11 -7.36 -30.72
C LYS B 436 19.62 -7.19 -30.84
N LEU B 437 20.37 -7.59 -29.81
CA LEU B 437 21.81 -7.54 -29.97
C LEU B 437 22.27 -8.74 -30.79
N ASN B 438 23.46 -8.62 -31.37
CA ASN B 438 23.89 -9.54 -32.41
C ASN B 438 24.54 -10.79 -31.81
N VAL B 439 23.81 -11.46 -30.92
CA VAL B 439 24.27 -12.72 -30.35
C VAL B 439 23.06 -13.64 -30.33
N GLU B 440 23.16 -14.78 -31.01
CA GLU B 440 22.05 -15.71 -31.07
C GLU B 440 21.82 -16.38 -29.72
N ALA B 441 20.61 -16.90 -29.57
CA ALA B 441 20.18 -17.54 -28.34
C ALA B 441 19.08 -18.52 -28.71
N VAL B 442 18.92 -19.57 -27.90
CA VAL B 442 17.78 -20.45 -28.07
C VAL B 442 16.47 -19.72 -27.76
N ASN B 443 15.38 -20.30 -28.25
CA ASN B 443 14.03 -19.84 -28.05
C ASN B 443 13.44 -20.60 -26.86
N THR B 444 13.01 -19.89 -25.82
CA THR B 444 12.44 -20.52 -24.61
C THR B 444 10.93 -20.28 -24.47
N HIS B 445 10.32 -19.71 -25.49
CA HIS B 445 8.91 -19.35 -25.50
C HIS B 445 8.06 -20.51 -25.97
N ARG B 446 7.20 -21.00 -25.10
CA ARG B 446 6.28 -22.07 -25.45
C ARG B 446 4.88 -21.50 -25.63
N ASP B 447 4.32 -21.65 -26.84
CA ASP B 447 2.97 -21.17 -27.12
C ASP B 447 1.93 -22.04 -26.43
N LYS B 448 0.77 -21.46 -26.16
CA LYS B 448 -0.36 -22.27 -25.71
C LYS B 448 -0.75 -23.26 -26.81
N PRO B 449 -0.98 -24.53 -26.49
CA PRO B 449 -1.40 -25.47 -27.53
C PRO B 449 -2.73 -25.06 -28.15
N THR B 450 -2.90 -25.39 -29.44
CA THR B 450 -4.10 -25.06 -30.20
C THR B 450 -5.09 -26.22 -30.25
CAC FLC C . 9.00 12.45 25.23
CA FLC C . 10.33 12.12 25.91
CB FLC C . 11.09 13.39 26.36
CBC FLC C . 11.36 14.36 25.20
CG FLC C . 12.43 12.91 26.92
CGC FLC C . 13.17 14.11 27.50
OA1 FLC C . 8.59 11.68 24.29
OA2 FLC C . 8.32 13.45 25.62
OB1 FLC C . 11.95 13.97 24.16
OB2 FLC C . 11.00 15.56 25.31
OG1 FLC C . 13.84 14.83 26.75
OG2 FLC C . 13.09 14.38 28.73
OHB FLC C . 10.39 14.08 27.35
HA1 FLC C . 10.17 11.57 26.69
HA2 FLC C . 10.89 11.62 25.29
HG1 FLC C . 12.97 12.52 26.20
HG2 FLC C . 12.29 12.25 27.61
HOB FLC C . 10.21 14.86 27.07
PG ATP D . 2.09 11.46 23.18
O1G ATP D . 2.59 12.62 22.37
O2G ATP D . 0.63 11.09 22.93
O3G ATP D . 3.08 10.37 23.14
PB ATP D . 3.17 12.09 25.88
O1B ATP D . 4.48 11.77 25.31
O2B ATP D . 2.94 13.47 26.47
O3B ATP D . 1.97 11.97 24.76
PA ATP D . 3.16 9.46 26.83
O1A ATP D . 3.59 8.74 25.62
O2A ATP D . 3.51 9.07 28.24
O3A ATP D . 2.75 11.00 26.98
O5' ATP D . 1.63 9.03 27.11
C5' ATP D . 0.67 8.92 26.01
C4' ATP D . 0.10 7.53 25.88
O4' ATP D . 1.14 6.56 25.63
C3' ATP D . -0.60 7.05 27.15
O3' ATP D . -1.74 6.26 26.78
C2' ATP D . 0.43 6.18 27.84
O2' ATP D . -0.05 5.13 28.67
C1' ATP D . 1.08 5.56 26.65
N9 ATP D . 2.43 5.15 26.99
C8 ATP D . 3.53 5.87 26.78
N7 ATP D . 4.66 5.22 27.14
C5 ATP D . 4.23 4.05 27.64
C6 ATP D . 4.88 2.89 28.23
N6 ATP D . 6.23 2.95 28.32
N1 ATP D . 4.12 1.85 28.64
C2 ATP D . 2.78 1.87 28.52
N3 ATP D . 2.09 2.91 28.00
C4 ATP D . 2.76 4.00 27.54
H5'1 ATP D . -0.15 9.63 26.19
H5'2 ATP D . 1.16 9.20 25.08
H4' ATP D . -0.62 7.51 25.05
H3' ATP D . -0.88 7.90 27.78
HO3' ATP D . -2.19 5.95 27.57
H2' ATP D . 1.15 6.81 28.37
HO2' ATP D . -0.56 5.50 29.40
H1' ATP D . 0.48 4.70 26.31
H8 ATP D . 3.54 6.85 26.30
HN61 ATP D . 6.72 3.76 27.99
HN62 ATP D . 6.74 2.18 28.73
H2 ATP D . 2.21 1.00 28.87
MG MG E . 4.50 9.79 24.70
O1 F6P F . -13.05 -26.12 11.44
C1 F6P F . -13.37 -24.75 11.37
C2 F6P F . -12.38 -24.00 10.44
O2 F6P F . -12.81 -22.59 10.42
C3 F6P F . -12.24 -24.59 9.02
O3 F6P F . -13.26 -24.16 8.16
C4 F6P F . -10.81 -24.19 8.61
O4 F6P F . -10.24 -24.96 7.58
C5 F6P F . -10.10 -24.40 9.95
O5 F6P F . -11.06 -24.10 10.97
C6 F6P F . -8.89 -23.50 10.14
O6 F6P F . -8.20 -23.89 11.32
P F6P F . -6.84 -24.74 11.27
O1P F6P F . -5.83 -23.87 10.50
O2P F6P F . -6.39 -24.88 12.74
O3P F6P F . -6.94 -26.05 10.56
HO1 F6P F . -12.26 -26.30 10.88
H11 F6P F . -13.33 -24.32 12.37
H12 F6P F . -14.39 -24.63 11.00
HO2 F6P F . -12.93 -22.30 9.49
H3 F6P F . -12.27 -25.68 9.11
HO3 F6P F . -12.86 -23.66 7.42
H4 F6P F . -10.79 -23.13 8.35
HO4 F6P F . -9.50 -25.48 7.94
H5 F6P F . -9.78 -25.44 10.02
H61 F6P F . -9.23 -22.47 10.23
H62 F6P F . -8.24 -23.57 9.27
C1 EDO G . -15.55 -7.26 -1.26
O1 EDO G . -16.18 -8.52 -1.47
C2 EDO G . -14.04 -7.42 -1.31
O2 EDO G . -13.55 -8.16 -0.18
H11 EDO G . -15.85 -6.85 -0.28
H12 EDO G . -15.88 -6.55 -2.02
HO1 EDO G . -17.14 -8.42 -1.44
H21 EDO G . -13.76 -7.94 -2.23
H22 EDO G . -13.56 -6.44 -1.32
HO2 EDO G . -12.60 -8.25 -0.25
C1 GOL H . 14.26 22.09 24.47
O1 GOL H . 14.13 23.47 24.12
C2 GOL H . 12.85 21.48 24.58
O2 GOL H . 12.95 20.11 24.85
C3 GOL H . 12.04 22.11 25.71
O3 GOL H . 12.72 21.93 26.94
H11 GOL H . 14.78 22.00 25.42
H12 GOL H . 14.84 21.56 23.71
HO1 GOL H . 15.02 23.88 24.11
H2 GOL H . 12.32 21.64 23.64
HO2 GOL H . 13.40 19.99 25.71
H31 GOL H . 11.05 21.63 25.78
H32 GOL H . 11.88 23.16 25.53
HO3 GOL H . 12.15 22.22 27.67
C1 GOL I . -8.84 11.44 11.38
O1 GOL I . -10.05 12.20 11.29
C2 GOL I . -9.03 10.04 11.95
O2 GOL I . -10.39 9.63 12.02
C3 GOL I . -8.33 9.02 11.05
O3 GOL I . -8.79 7.72 11.38
H11 GOL I . -8.13 11.99 12.00
H12 GOL I . -8.39 11.37 10.38
HO1 GOL I . -9.84 13.10 10.98
H2 GOL I . -8.59 9.99 12.93
HO2 GOL I . -10.77 9.62 11.11
H31 GOL I . -7.26 9.08 11.20
H32 GOL I . -8.56 9.25 10.00
HO3 GOL I . -8.03 7.18 11.67
C1 GOL J . -5.36 6.17 22.51
O1 GOL J . -4.37 6.93 21.85
C2 GOL J . -4.67 5.17 23.43
O2 GOL J . -5.49 4.90 24.53
C3 GOL J . -3.30 5.65 23.91
O3 GOL J . -2.67 4.63 24.67
H11 GOL J . -5.98 5.64 21.79
H12 GOL J . -6.00 6.83 23.10
HO1 GOL J . -4.80 7.54 21.20
H2 GOL J . -4.51 4.25 22.87
HO2 GOL J . -5.08 4.22 25.08
H31 GOL J . -3.42 6.55 24.54
H32 GOL J . -2.67 5.93 23.07
HO3 GOL J . -2.29 5.02 25.48
CAC FLC K . -13.71 21.02 -21.91
CA FLC K . -12.90 19.74 -21.64
CB FLC K . -11.91 19.76 -20.45
CBC FLC K . -11.37 21.05 -20.65
CG FLC K . -10.83 18.74 -20.86
CGC FLC K . -9.47 18.93 -20.23
OA1 FLC K . -13.72 21.51 -23.09
OA2 FLC K . -14.34 21.58 -20.95
OB1 FLC K . -10.88 21.10 -21.84
OB2 FLC K . -11.53 21.80 -19.55
OG1 FLC K . -8.78 19.98 -20.44
OG2 FLC K . -9.00 17.98 -19.55
OHB FLC K . -12.29 19.98 -19.02
HA1 FLC K . -12.39 19.54 -22.44
HA2 FLC K . -13.53 19.02 -21.48
HG1 FLC K . -11.16 17.85 -20.63
HG2 FLC K . -10.73 18.78 -21.83
HOB FLC K . -11.81 20.61 -18.70
PG ATP L . -2.47 17.58 -18.77
O1G ATP L . -1.08 17.04 -18.63
O2G ATP L . -3.06 18.48 -17.72
O3G ATP L . -3.47 16.52 -19.03
PB ATP L . -3.71 18.93 -21.14
O1B ATP L . -3.61 20.44 -21.38
O2B ATP L . -4.96 18.23 -20.65
O3B ATP L . -2.42 18.48 -20.19
PA ATP L . -3.43 16.77 -23.10
O1A ATP L . -4.15 16.75 -24.40
O2A ATP L . -4.06 15.98 -21.97
O3A ATP L . -3.22 18.28 -22.55
O5' ATP L . -1.93 16.25 -23.27
C5' ATP L . -1.11 15.87 -22.17
C4' ATP L . -0.53 14.50 -22.47
O4' ATP L . -1.63 13.56 -22.47
C3' ATP L . 0.12 14.47 -23.86
O3' ATP L . 1.31 13.66 -23.88
C2' ATP L . -0.99 13.88 -24.70
O2' ATP L . -0.60 13.21 -25.89
C1' ATP L . -1.62 12.89 -23.73
N9 ATP L . -2.99 12.59 -24.16
C8 ATP L . -4.09 13.25 -23.78
N7 ATP L . -5.20 12.75 -24.37
C5 ATP L . -4.77 11.75 -25.14
C6 ATP L . -5.45 10.81 -26.05
N6 ATP L . -6.78 10.93 -26.14
N1 ATP L . -4.68 9.92 -26.72
C2 ATP L . -3.33 9.87 -26.60
N3 ATP L . -2.64 10.69 -25.77
C4 ATP L . -3.31 11.64 -25.04
H5'1 ATP L . -0.30 16.59 -22.02
H5'2 ATP L . -1.71 15.83 -21.26
H4' ATP L . 0.21 14.23 -21.70
H3' ATP L . 0.34 15.48 -24.19
HO3' ATP L . 1.68 13.66 -24.76
H2' ATP L . -1.71 14.66 -24.94
HO2' ATP L . -0.14 13.83 -26.47
H1' ATP L . -1.02 11.98 -23.68
H8 ATP L . -4.10 14.05 -23.07
HN61 ATP L . -7.27 11.63 -25.60
HN62 ATP L . -7.31 10.32 -26.74
H2 ATP L . -2.79 9.12 -27.15
MG MG M . -5.05 15.72 -20.12
O1 F6P N . 12.98 -21.42 -19.62
C1 F6P N . 13.31 -20.13 -19.12
C2 F6P N . 12.35 -19.72 -17.94
O2 F6P N . 12.82 -18.42 -17.46
C3 F6P N . 12.28 -20.74 -16.80
O3 F6P N . 13.35 -20.62 -15.89
C4 F6P N . 10.87 -20.54 -16.21
O4 F6P N . 10.41 -21.61 -15.44
C5 F6P N . 10.10 -20.38 -17.49
O5 F6P N . 10.99 -19.69 -18.39
C6 F6P N . 8.89 -19.51 -17.27
O6 F6P N . 8.20 -19.47 -18.50
P F6P N . 6.77 -20.24 -18.70
O1P F6P N . 6.30 -19.92 -20.08
O2P F6P N . 5.85 -19.66 -17.65
O3P F6P N . 6.95 -21.73 -18.40
HO1 F6P N . 12.21 -21.78 -19.13
H11 F6P N . 13.24 -19.40 -19.91
H12 F6P N . 14.33 -20.14 -18.76
HO2 F6P N . 13.00 -18.46 -16.50
H3 F6P N . 12.32 -21.73 -17.25
HO3 F6P N . 13.00 -20.42 -15.00
H4 F6P N . 10.84 -19.61 -15.65
HO4 F6P N . 9.66 -22.05 -15.90
H5 F6P N . 9.80 -21.36 -17.87
H61 F6P N . 9.20 -18.51 -16.98
H62 F6P N . 8.26 -19.93 -16.49
C1 EDO O . 11.56 -38.32 -18.35
O1 EDO O . 11.21 -37.63 -19.57
C2 EDO O . 11.05 -37.58 -17.09
O2 EDO O . 9.65 -37.29 -17.19
H11 EDO O . 12.64 -38.42 -18.29
H12 EDO O . 11.13 -39.32 -18.36
HO1 EDO O . 11.54 -38.14 -20.33
H21 EDO O . 11.24 -38.19 -16.21
H22 EDO O . 11.61 -36.65 -16.97
HO2 EDO O . 9.37 -36.83 -16.40
C1 EDO P . 8.93 -8.34 -29.38
O1 EDO P . 7.74 -8.63 -28.63
C2 EDO P . 9.80 -9.59 -29.56
O2 EDO P . 11.09 -9.16 -30.05
H11 EDO P . 8.65 -7.95 -30.36
H12 EDO P . 9.51 -7.57 -28.86
HO1 EDO P . 7.22 -7.81 -28.53
H21 EDO P . 9.34 -10.27 -30.29
H22 EDO P . 9.91 -10.12 -28.61
HO2 EDO P . 11.66 -9.92 -30.17
C1 GOL Q . -12.54 28.31 -17.96
O1 GOL Q . -13.40 28.46 -19.08
C2 GOL Q . -13.25 27.40 -16.97
O2 GOL Q . -13.42 26.15 -17.60
C3 GOL Q . -14.64 27.91 -16.64
O3 GOL Q . -14.52 29.20 -16.04
H11 GOL Q . -12.37 29.29 -17.49
H12 GOL Q . -11.58 27.89 -18.26
HO1 GOL Q . -13.00 29.10 -19.71
H2 GOL Q . -12.66 27.29 -16.06
HO2 GOL Q . -13.89 25.54 -16.99
H31 GOL Q . -15.13 27.23 -15.94
H32 GOL Q . -15.24 27.98 -17.54
HO3 GOL Q . -15.37 29.43 -15.62
O1 MES R . 17.20 -1.45 -3.49
C2 MES R . 18.30 -2.41 -3.56
C3 MES R . 18.07 -3.62 -2.67
N4 MES R . 16.68 -4.04 -2.84
C5 MES R . 15.65 -3.06 -2.42
C6 MES R . 16.25 -1.64 -2.42
C7 MES R . 16.46 -5.48 -2.58
C8 MES R . 15.11 -5.87 -1.93
S MES R . 14.84 -7.54 -2.04
O1S MES R . 16.13 -8.27 -2.02
O2S MES R . 14.10 -7.74 -3.27
O3S MES R . 13.95 -8.08 -0.99
H21 MES R . 18.41 -2.74 -4.60
H22 MES R . 19.23 -1.92 -3.26
H31 MES R . 18.75 -4.44 -2.95
H32 MES R . 18.25 -3.37 -1.63
HN4 MES R . 16.58 -4.01 -3.84
H51 MES R . 15.28 -3.31 -1.43
H52 MES R . 14.80 -3.10 -3.11
H61 MES R . 16.77 -1.48 -1.47
H62 MES R . 15.46 -0.91 -2.50
H71 MES R . 17.27 -5.84 -1.92
H72 MES R . 16.57 -6.03 -3.52
H81 MES R . 15.10 -5.56 -0.88
H82 MES R . 14.30 -5.33 -2.43
C1 GOL S . 20.40 -22.49 -31.31
O1 GOL S . 21.50 -22.92 -32.08
C2 GOL S . 20.27 -20.99 -31.53
O2 GOL S . 21.38 -20.57 -32.31
C3 GOL S . 18.94 -20.59 -32.20
O3 GOL S . 19.01 -19.25 -32.69
H11 GOL S . 20.56 -22.71 -30.25
H12 GOL S . 19.49 -23.00 -31.63
HO1 GOL S . 21.67 -23.87 -31.92
H2 GOL S . 20.30 -20.50 -30.55
HO2 GOL S . 21.34 -20.98 -33.19
H31 GOL S . 18.13 -20.67 -31.49
H32 GOL S . 18.74 -21.28 -33.03
HO3 GOL S . 18.74 -18.63 -31.99
C1 GOL T . -2.74 -8.11 -14.84
O1 GOL T . -3.12 -7.21 -15.89
C2 GOL T . -3.50 -7.83 -13.52
O2 GOL T . -4.87 -8.25 -13.68
C3 GOL T . -2.79 -8.45 -12.33
O3 GOL T . -3.66 -9.40 -11.75
H11 GOL T . -1.67 -8.01 -14.66
H12 GOL T . -2.93 -9.13 -15.16
HO1 GOL T . -2.57 -7.37 -16.68
H2 GOL T . -3.49 -6.76 -13.38
HO2 GOL T . -4.91 -9.22 -13.78
H31 GOL T . -2.53 -7.68 -11.60
H32 GOL T . -1.86 -8.94 -12.64
HO3 GOL T . -3.18 -10.24 -11.60
C1 GOL U . -8.22 -6.30 -14.10
O1 GOL U . -9.22 -5.45 -13.53
C2 GOL U . -7.36 -5.60 -15.19
O2 GOL U . -7.48 -6.19 -16.46
C3 GOL U . -5.85 -5.65 -14.87
O3 GOL U . -5.05 -4.76 -15.66
H11 GOL U . -8.71 -7.16 -14.54
H12 GOL U . -7.56 -6.65 -13.30
HO1 GOL U . -9.77 -5.96 -12.90
H2 GOL U . -7.66 -4.55 -15.25
HO2 GOL U . -6.95 -5.69 -17.11
H31 GOL U . -5.49 -6.67 -15.04
H32 GOL U . -5.69 -5.43 -13.82
HO3 GOL U . -5.48 -4.63 -16.54
C1 GOL V . 3.66 11.92 -21.72
O1 GOL V . 2.24 11.80 -21.94
C2 GOL V . 3.84 12.19 -20.24
O2 GOL V . 3.09 13.33 -19.87
C3 GOL V . 5.32 12.28 -19.91
O3 GOL V . 5.54 13.52 -19.27
H11 GOL V . 4.07 12.74 -22.31
H12 GOL V . 4.16 10.99 -22.00
HO1 GOL V . 2.07 11.69 -22.89
H2 GOL V . 3.45 11.32 -19.70
HO2 GOL V . 3.17 13.48 -18.91
H31 GOL V . 5.92 12.23 -20.81
H32 GOL V . 5.63 11.47 -19.25
HO3 GOL V . 5.45 13.42 -18.30
#